data_8FV4
#
_entry.id   8FV4
#
_cell.length_a   70.606
_cell.length_b   100.485
_cell.length_c   87.318
_cell.angle_alpha   90.00
_cell.angle_beta   102.32
_cell.angle_gamma   90.00
#
_symmetry.space_group_name_H-M   'P 1 21 1'
#
loop_
_entity.id
_entity.type
_entity.pdbx_description
1 polymer 'Epidermal growth factor receptor'
2 non-polymer N-{(3P)-3-[(4P)-4-(2-acetamidopyridin-4-yl)-2-(methylsulfanyl)-1H-imidazol-5-yl]phenyl}-11-oxo-10,11-dihydro-5H-dibenzo[b,e][1,4]diazepine-9-carboxamide
3 non-polymer 'MAGNESIUM ION'
4 non-polymer 'PHOSPHOAMINOPHOSPHONIC ACID-ADENYLATE ESTER'
5 water water
#
_entity_poly.entity_id   1
_entity_poly.type   'polypeptide(L)'
_entity_poly.pdbx_seq_one_letter_code
;SGEAPNQALLRILKETEFKKIKVLGSGAFGTVYKGLWIPEGEKVKIPVAIKELREATSPKANKEILDEAYVMASVDNPHV
CRLLGICLTSTVQLIMQLMPFGCLLDYVREHKDNIGSQYLLNWCVQIAKGMNYLEDRRLVHRDLAARNVLVKTPQHVKIT
DFGLAKLLGAEEKEYHAEGGKVPIKWMALESILHRIYTHQSDVWSYGVTVWELMTFGSKPYDGIPASEISSILEKGERLP
QPPICTIDVYMIMRKCWMIDADSRPKFRELIIEFSKMARDPQRYLVIQGDERMHLPSPTDSNFYRALMDEEDMDDVVDAD
EYLIPQQG
;
_entity_poly.pdbx_strand_id   D,A,B,C
#
loop_
_chem_comp.id
_chem_comp.type
_chem_comp.name
_chem_comp.formula
ANP non-polymer 'PHOSPHOAMINOPHOSPHONIC ACID-ADENYLATE ESTER' 'C10 H17 N6 O12 P3'
MG non-polymer 'MAGNESIUM ION' 'Mg 2'
YAA non-polymer N-{(3P)-3-[(4P)-4-(2-acetamidopyridin-4-yl)-2-(methylsulfanyl)-1H-imidazol-5-yl]phenyl}-11-oxo-10,11-dihydro-5H-dibenzo[b,e][1,4]diazepine-9-carboxamide 'C31 H25 N7 O3 S'
#
# COMPACT_ATOMS: atom_id res chain seq x y z
N GLN A 7 -12.12 9.17 30.79
CA GLN A 7 -10.88 9.94 30.73
C GLN A 7 -9.71 9.15 30.12
N ALA A 8 -9.55 7.88 30.52
CA ALA A 8 -8.61 7.00 29.84
C ALA A 8 -9.19 6.42 28.56
N LEU A 9 -10.34 6.90 28.11
CA LEU A 9 -10.89 6.47 26.83
C LEU A 9 -10.46 7.37 25.69
N LEU A 10 -9.83 8.49 25.99
CA LEU A 10 -9.40 9.44 24.97
C LEU A 10 -7.92 9.70 25.15
N ARG A 11 -7.14 9.40 24.10
CA ARG A 11 -5.71 9.56 24.13
C ARG A 11 -5.32 10.91 23.54
N ILE A 12 -4.65 11.74 24.34
CA ILE A 12 -4.20 13.06 23.88
C ILE A 12 -2.91 12.88 23.08
N LEU A 13 -2.95 13.24 21.81
CA LEU A 13 -1.84 13.01 20.90
C LEU A 13 -0.97 14.26 20.76
N LYS A 14 0.26 14.07 20.32
CA LYS A 14 1.14 15.19 20.00
C LYS A 14 1.53 15.15 18.53
N GLU A 15 1.72 16.34 17.96
CA GLU A 15 1.88 16.44 16.51
C GLU A 15 2.98 15.55 16.00
N THR A 16 3.98 15.28 16.83
CA THR A 16 5.16 14.53 16.39
C THR A 16 4.93 13.02 16.37
N GLU A 17 3.86 12.51 16.99
CA GLU A 17 3.65 11.06 16.97
C GLU A 17 2.68 10.59 15.90
N PHE A 18 2.23 11.48 15.02
CA PHE A 18 1.41 11.08 13.87
C PHE A 18 1.61 12.07 12.74
N LYS A 19 1.34 11.63 11.51
CA LYS A 19 1.37 12.52 10.37
C LYS A 19 0.25 12.17 9.39
N LYS A 20 -0.25 13.20 8.69
CA LYS A 20 -1.19 13.03 7.59
C LYS A 20 -0.48 12.55 6.34
N ILE A 21 -1.08 11.58 5.66
CA ILE A 21 -0.41 10.91 4.55
C ILE A 21 -1.13 11.14 3.23
N LYS A 22 -2.45 11.26 3.28
CA LYS A 22 -3.19 11.51 2.04
C LYS A 22 -4.59 11.97 2.41
N VAL A 23 -5.15 12.83 1.58
CA VAL A 23 -6.44 13.44 1.85
C VAL A 23 -7.54 12.50 1.34
N LEU A 24 -8.68 12.49 2.04
CA LEU A 24 -9.80 11.63 1.68
C LEU A 24 -11.10 12.35 1.40
N GLY A 25 -11.30 13.52 1.98
CA GLY A 25 -12.60 14.15 1.91
C GLY A 25 -12.56 15.44 2.69
N SER A 26 -13.49 16.32 2.34
CA SER A 26 -13.51 17.66 2.89
C SER A 26 -14.95 18.03 3.18
N GLY A 27 -15.13 19.27 3.62
CA GLY A 27 -16.46 19.78 3.93
C GLY A 27 -16.34 21.14 4.59
N ALA A 28 -17.48 21.61 5.10
CA ALA A 28 -17.47 22.82 5.91
C ALA A 28 -16.84 22.55 7.28
N PHE A 29 -17.12 21.37 7.84
CA PHE A 29 -16.57 20.96 9.12
C PHE A 29 -15.05 21.01 9.08
N GLY A 30 -14.47 20.11 8.29
CA GLY A 30 -13.04 20.08 8.13
C GLY A 30 -12.64 19.12 7.04
N THR A 31 -11.37 18.74 7.07
CA THR A 31 -10.80 17.85 6.07
C THR A 31 -10.50 16.50 6.70
N VAL A 32 -10.63 15.44 5.89
CA VAL A 32 -10.43 14.06 6.33
C VAL A 32 -9.19 13.51 5.64
N TYR A 33 -8.28 12.93 6.44
CA TYR A 33 -7.00 12.42 5.96
C TYR A 33 -6.84 10.97 6.38
N LYS A 34 -6.24 10.18 5.49
CA LYS A 34 -5.54 8.98 5.93
C LYS A 34 -4.23 9.42 6.55
N GLY A 35 -3.93 8.89 7.75
CA GLY A 35 -2.74 9.28 8.47
C GLY A 35 -2.05 8.06 9.04
N LEU A 36 -0.94 8.32 9.71
CA LEU A 36 -0.11 7.27 10.29
C LEU A 36 0.25 7.63 11.72
N TRP A 37 -0.10 6.77 12.66
CA TRP A 37 0.34 6.89 14.04
C TRP A 37 1.68 6.16 14.21
N ILE A 38 2.67 6.85 14.78
CA ILE A 38 3.96 6.22 15.06
C ILE A 38 4.13 6.18 16.58
N PRO A 39 3.83 5.06 17.24
CA PRO A 39 3.92 5.05 18.71
C PRO A 39 5.36 5.26 19.16
N GLU A 40 5.52 5.94 20.29
CA GLU A 40 6.82 6.42 20.73
C GLU A 40 7.76 5.26 20.99
N GLY A 41 8.94 5.32 20.37
CA GLY A 41 9.95 4.31 20.58
C GLY A 41 9.79 3.08 19.74
N GLU A 42 8.81 3.04 18.84
CA GLU A 42 8.57 1.91 17.96
C GLU A 42 8.92 2.28 16.52
N LYS A 43 9.08 1.23 15.71
CA LYS A 43 9.37 1.34 14.29
C LYS A 43 8.18 0.89 13.44
N VAL A 44 6.97 1.09 13.93
CA VAL A 44 5.76 0.75 13.18
C VAL A 44 4.99 2.02 12.88
N LYS A 45 4.29 2.00 11.76
CA LYS A 45 3.40 3.06 11.35
C LYS A 45 2.01 2.47 11.21
N ILE A 46 1.08 2.94 12.00
CA ILE A 46 -0.25 2.34 12.08
C ILE A 46 -1.24 3.27 11.41
N PRO A 47 -2.02 2.80 10.43
CA PRO A 47 -2.97 3.68 9.73
C PRO A 47 -4.10 4.17 10.63
N VAL A 48 -4.39 5.47 10.53
CA VAL A 48 -5.51 6.11 11.23
C VAL A 48 -6.25 7.03 10.27
N ALA A 49 -7.45 7.39 10.70
CA ALA A 49 -8.21 8.39 9.99
C ALA A 49 -8.13 9.63 10.85
N ILE A 50 -8.06 10.79 10.23
CA ILE A 50 -7.91 12.01 10.96
C ILE A 50 -8.78 13.08 10.37
N LYS A 51 -9.50 13.77 11.23
CA LYS A 51 -10.29 14.87 10.79
C LYS A 51 -9.72 16.15 11.31
N GLU A 52 -9.29 17.01 10.42
CA GLU A 52 -8.82 18.30 10.87
C GLU A 52 -9.93 19.30 10.68
N LEU A 53 -10.27 19.99 11.75
CA LEU A 53 -11.34 20.94 11.69
C LEU A 53 -10.90 22.22 10.97
N ARG A 54 -11.86 22.95 10.43
CA ARG A 54 -11.54 24.09 9.57
C ARG A 54 -10.87 25.21 10.35
N GLU A 55 -11.59 25.80 11.30
CA GLU A 55 -11.09 26.96 12.04
C GLU A 55 -10.60 26.49 13.40
N ALA A 56 -9.29 26.61 13.64
CA ALA A 56 -8.79 26.50 15.00
C ALA A 56 -9.26 27.71 15.82
N THR A 57 -9.08 27.63 17.12
CA THR A 57 -9.45 28.76 17.96
C THR A 57 -8.64 28.72 19.25
N SER A 58 -8.98 29.61 20.15
CA SER A 58 -8.32 29.88 21.40
C SER A 58 -8.12 28.64 22.26
N PRO A 59 -7.32 28.75 23.33
CA PRO A 59 -7.27 27.66 24.32
C PRO A 59 -8.57 27.45 25.06
N LYS A 60 -9.35 28.52 25.28
CA LYS A 60 -10.64 28.33 25.93
C LYS A 60 -11.57 27.50 25.06
N ALA A 61 -11.57 27.74 23.75
CA ALA A 61 -12.38 26.91 22.86
C ALA A 61 -11.85 25.48 22.78
N ASN A 62 -10.50 25.31 22.79
CA ASN A 62 -9.90 23.98 22.84
C ASN A 62 -10.33 23.23 24.09
N LYS A 63 -10.40 23.92 25.22
CA LYS A 63 -10.86 23.26 26.45
C LYS A 63 -12.31 22.84 26.32
N GLU A 64 -13.13 23.62 25.60
CA GLU A 64 -14.50 23.17 25.39
C GLU A 64 -14.54 21.97 24.46
N ILE A 65 -13.73 21.98 23.39
CA ILE A 65 -13.69 20.84 22.50
C ILE A 65 -13.24 19.59 23.24
N LEU A 66 -12.14 19.69 24.01
CA LEU A 66 -11.65 18.55 24.77
C LEU A 66 -12.73 18.04 25.72
N ASP A 67 -13.44 18.95 26.39
CA ASP A 67 -14.54 18.54 27.26
C ASP A 67 -15.57 17.70 26.51
N GLU A 68 -15.87 18.04 25.28
CA GLU A 68 -16.87 17.29 24.57
C GLU A 68 -16.24 16.01 24.04
N ALA A 69 -15.00 16.09 23.60
CA ALA A 69 -14.27 14.92 23.14
C ALA A 69 -14.26 13.81 24.17
N TYR A 70 -14.26 14.15 25.46
CA TYR A 70 -14.30 13.11 26.48
C TYR A 70 -15.63 12.36 26.46
N VAL A 71 -16.70 12.98 26.02
CA VAL A 71 -17.94 12.22 25.92
C VAL A 71 -17.93 11.34 24.69
N MET A 72 -17.49 11.89 23.58
CA MET A 72 -17.40 11.13 22.35
C MET A 72 -16.53 9.92 22.51
N ALA A 73 -15.44 10.06 23.22
CA ALA A 73 -14.56 8.91 23.46
C ALA A 73 -15.23 7.79 24.24
N SER A 74 -16.37 8.08 24.89
CA SER A 74 -17.01 7.12 25.78
C SER A 74 -18.15 6.35 25.12
N VAL A 75 -18.50 6.65 23.87
CA VAL A 75 -19.51 5.87 23.17
C VAL A 75 -18.95 4.50 22.85
N ASP A 76 -19.59 3.46 23.37
CA ASP A 76 -19.20 2.08 23.09
C ASP A 76 -20.40 1.39 22.47
N ASN A 77 -20.39 1.24 21.16
CA ASN A 77 -21.47 0.57 20.47
C ASN A 77 -21.02 0.21 19.06
N PRO A 78 -21.25 -1.01 18.61
CA PRO A 78 -20.77 -1.43 17.28
C PRO A 78 -21.22 -0.54 16.13
N HIS A 79 -22.31 0.21 16.30
CA HIS A 79 -22.86 0.99 15.18
C HIS A 79 -22.70 2.49 15.36
N VAL A 80 -21.80 2.90 16.24
CA VAL A 80 -21.43 4.31 16.38
C VAL A 80 -19.91 4.42 16.42
N CYS A 81 -19.39 5.42 15.75
CA CYS A 81 -17.96 5.68 15.73
C CYS A 81 -17.51 6.24 17.07
N ARG A 82 -16.37 5.77 17.55
CA ARG A 82 -15.82 6.25 18.81
C ARG A 82 -14.61 7.11 18.52
N LEU A 83 -14.59 8.32 19.05
CA LEU A 83 -13.39 9.12 19.01
C LEU A 83 -12.30 8.46 19.86
N LEU A 84 -11.12 8.27 19.27
CA LEU A 84 -10.02 7.58 19.93
C LEU A 84 -8.98 8.52 20.50
N GLY A 85 -8.64 9.57 19.75
CA GLY A 85 -7.56 10.45 20.13
C GLY A 85 -7.76 11.84 19.57
N ILE A 86 -7.04 12.80 20.14
CA ILE A 86 -7.15 14.18 19.74
C ILE A 86 -5.85 14.90 19.81
N CYS A 87 -5.61 15.84 18.89
CA CYS A 87 -4.44 16.69 18.92
C CYS A 87 -4.88 18.13 18.92
N LEU A 88 -4.52 18.85 19.94
CA LEU A 88 -4.90 20.24 20.03
C LEU A 88 -3.76 21.18 19.61
N THR A 89 -3.74 21.59 18.35
CA THR A 89 -2.72 22.49 17.84
C THR A 89 -3.17 23.94 18.04
N THR A 91 -6.45 22.92 13.67
CA THR A 91 -5.73 22.72 14.90
C THR A 91 -6.46 21.81 15.82
N VAL A 92 -7.61 21.32 15.41
CA VAL A 92 -8.26 20.33 16.19
C VAL A 92 -8.27 19.17 15.29
N GLN A 93 -7.48 18.19 15.64
CA GLN A 93 -7.43 17.01 14.85
C GLN A 93 -8.05 15.88 15.64
N LEU A 94 -9.03 15.23 15.05
CA LEU A 94 -9.73 14.12 15.67
C LEU A 94 -9.27 12.84 15.02
N ILE A 95 -8.93 11.83 15.84
CA ILE A 95 -8.29 10.61 15.35
C ILE A 95 -9.21 9.43 15.66
N MET A 96 -9.44 8.58 14.65
CA MET A 96 -10.18 7.35 14.88
C MET A 96 -9.68 6.29 13.95
N GLN A 97 -10.29 5.12 14.08
CA GLN A 97 -9.92 3.95 13.29
C GLN A 97 -10.18 4.24 11.82
N LEU A 98 -9.26 3.81 10.96
CA LEU A 98 -9.44 4.01 9.52
C LEU A 98 -10.38 2.96 8.96
N MET A 99 -11.39 3.41 8.26
CA MET A 99 -12.29 2.52 7.53
C MET A 99 -11.92 2.60 6.06
N PRO A 100 -11.56 1.51 5.40
CA PRO A 100 -11.25 1.60 3.96
C PRO A 100 -12.43 1.96 3.08
N PHE A 101 -13.66 1.87 3.55
CA PHE A 101 -14.79 1.95 2.63
C PHE A 101 -15.41 3.34 2.51
N GLY A 102 -15.05 4.30 3.35
CA GLY A 102 -15.74 5.59 3.25
C GLY A 102 -17.23 5.53 3.61
N CYS A 103 -17.97 6.56 3.20
CA CYS A 103 -19.31 6.81 3.71
C CYS A 103 -20.41 6.13 2.88
N LEU A 104 -21.53 5.86 3.54
CA LEU A 104 -22.59 5.05 2.95
C LEU A 104 -23.21 5.74 1.75
N LEU A 105 -23.38 7.06 1.82
CA LEU A 105 -23.90 7.79 0.68
C LEU A 105 -23.10 7.48 -0.58
N ASP A 106 -21.76 7.63 -0.50
CA ASP A 106 -20.92 7.32 -1.64
C ASP A 106 -21.02 5.84 -1.99
N TYR A 107 -21.03 4.97 -0.99
CA TYR A 107 -21.15 3.55 -1.26
C TYR A 107 -22.40 3.24 -2.11
N VAL A 108 -23.59 3.71 -1.69
CA VAL A 108 -24.82 3.35 -2.43
C VAL A 108 -24.89 4.06 -3.79
N ARG A 109 -24.27 5.23 -3.93
CA ARG A 109 -24.16 5.81 -5.25
C ARG A 109 -23.26 4.95 -6.14
N GLU A 110 -22.07 4.60 -5.65
CA GLU A 110 -21.15 3.80 -6.45
C GLU A 110 -21.76 2.45 -6.81
N HIS A 111 -22.55 1.87 -5.91
CA HIS A 111 -23.15 0.55 -6.10
C HIS A 111 -24.63 0.63 -6.48
N LYS A 112 -25.05 1.77 -7.04
CA LYS A 112 -26.45 2.01 -7.41
C LYS A 112 -27.03 0.83 -8.19
N ASP A 113 -28.24 0.43 -7.79
CA ASP A 113 -29.03 -0.62 -8.43
C ASP A 113 -28.34 -1.99 -8.40
N ASN A 114 -27.27 -2.11 -7.64
CA ASN A 114 -26.46 -3.32 -7.58
C ASN A 114 -26.45 -3.89 -6.16
N ILE A 115 -27.34 -3.40 -5.29
CA ILE A 115 -27.35 -3.75 -3.87
C ILE A 115 -28.61 -4.58 -3.58
N GLY A 116 -28.41 -5.74 -2.98
CA GLY A 116 -29.53 -6.58 -2.61
C GLY A 116 -30.43 -5.94 -1.56
N SER A 117 -31.68 -6.39 -1.52
CA SER A 117 -32.59 -5.89 -0.48
C SER A 117 -32.06 -6.22 0.91
N GLN A 118 -31.32 -7.32 1.05
CA GLN A 118 -30.86 -7.72 2.39
C GLN A 118 -29.93 -6.68 2.99
N TYR A 119 -29.06 -6.07 2.17
CA TYR A 119 -28.11 -5.09 2.69
C TYR A 119 -28.83 -3.81 3.13
N LEU A 120 -29.73 -3.30 2.28
CA LEU A 120 -30.39 -2.04 2.56
C LEU A 120 -31.12 -2.07 3.89
N LEU A 121 -31.83 -3.17 4.17
CA LEU A 121 -32.62 -3.22 5.39
C LEU A 121 -31.73 -3.46 6.60
N ASN A 122 -30.67 -4.27 6.44
CA ASN A 122 -29.70 -4.43 7.51
C ASN A 122 -29.04 -3.10 7.88
N TRP A 123 -28.72 -2.27 6.87
CA TRP A 123 -28.20 -0.93 7.16
C TRP A 123 -29.21 -0.08 7.92
N CYS A 124 -30.49 -0.18 7.56
CA CYS A 124 -31.53 0.53 8.30
C CYS A 124 -31.57 0.06 9.75
N VAL A 125 -31.53 -1.26 9.95
CA VAL A 125 -31.50 -1.81 11.31
C VAL A 125 -30.31 -1.24 12.08
N GLN A 126 -29.11 -1.38 11.51
CA GLN A 126 -27.90 -0.98 12.22
C GLN A 126 -27.91 0.51 12.55
N ILE A 127 -28.38 1.36 11.64
CA ILE A 127 -28.41 2.79 11.91
C ILE A 127 -29.42 3.11 13.01
N ALA A 128 -30.54 2.39 13.01
CA ALA A 128 -31.50 2.58 14.10
C ALA A 128 -30.91 2.08 15.42
N LYS A 129 -30.13 1.00 15.39
CA LYS A 129 -29.45 0.56 16.61
C LYS A 129 -28.49 1.64 17.11
N GLY A 130 -27.67 2.17 16.20
CA GLY A 130 -26.72 3.19 16.60
C GLY A 130 -27.40 4.42 17.20
N MET A 131 -28.55 4.83 16.62
CA MET A 131 -29.26 6.00 17.11
C MET A 131 -29.99 5.72 18.42
N ASN A 132 -30.59 4.54 18.55
CA ASN A 132 -31.12 4.11 19.85
C ASN A 132 -30.05 4.16 20.94
N TYR A 133 -28.82 3.75 20.62
CA TYR A 133 -27.74 3.84 21.61
C TYR A 133 -27.54 5.28 22.06
N LEU A 134 -27.34 6.19 21.09
CA LEU A 134 -27.18 7.61 21.41
C LEU A 134 -28.33 8.12 22.28
N GLU A 135 -29.57 7.80 21.90
CA GLU A 135 -30.71 8.21 22.71
C GLU A 135 -30.59 7.67 24.13
N ASP A 136 -30.23 6.39 24.27
CA ASP A 136 -30.03 5.78 25.59
C ASP A 136 -28.95 6.52 26.38
N ARG A 137 -28.00 7.13 25.69
CA ARG A 137 -26.96 7.92 26.33
C ARG A 137 -27.31 9.39 26.40
N ARG A 138 -28.51 9.77 25.93
CA ARG A 138 -28.97 11.14 25.97
C ARG A 138 -28.10 12.05 25.08
N LEU A 139 -27.68 11.54 23.93
CA LEU A 139 -27.00 12.33 22.93
C LEU A 139 -27.95 12.54 21.75
N VAL A 140 -28.13 13.80 21.36
CA VAL A 140 -28.87 14.13 20.16
C VAL A 140 -27.85 14.36 19.05
N HIS A 141 -28.03 13.68 17.92
CA HIS A 141 -27.07 13.79 16.82
C HIS A 141 -27.10 15.18 16.20
N ARG A 142 -28.26 15.57 15.68
CA ARG A 142 -28.59 16.86 15.05
C ARG A 142 -28.11 16.95 13.59
N ASP A 143 -27.44 15.93 13.04
CA ASP A 143 -27.10 15.94 11.63
C ASP A 143 -26.98 14.50 11.10
N LEU A 144 -27.95 13.65 11.41
CA LEU A 144 -27.92 12.31 10.86
C LEU A 144 -28.19 12.38 9.36
N ALA A 145 -27.38 11.71 8.57
CA ALA A 145 -27.52 11.71 7.12
C ALA A 145 -26.65 10.59 6.58
N ALA A 146 -26.94 10.17 5.35
CA ALA A 146 -26.15 9.10 4.78
C ALA A 146 -24.67 9.46 4.70
N ARG A 147 -24.35 10.75 4.54
CA ARG A 147 -22.95 11.19 4.52
C ARG A 147 -22.29 11.06 5.87
N ASN A 148 -23.07 10.85 6.92
CA ASN A 148 -22.55 10.75 8.28
C ASN A 148 -22.61 9.32 8.80
N VAL A 149 -22.86 8.36 7.91
CA VAL A 149 -22.75 6.94 8.22
C VAL A 149 -21.56 6.42 7.43
N LEU A 150 -20.64 5.73 8.12
CA LEU A 150 -19.41 5.22 7.53
C LEU A 150 -19.51 3.72 7.38
N VAL A 151 -18.86 3.21 6.36
CA VAL A 151 -18.88 1.79 6.06
C VAL A 151 -17.58 1.18 6.57
N LYS A 152 -17.70 0.32 7.57
CA LYS A 152 -16.55 -0.47 8.03
C LYS A 152 -16.35 -1.69 7.14
N THR A 153 -17.39 -2.47 6.96
CA THR A 153 -17.50 -3.50 5.94
C THR A 153 -18.87 -3.35 5.33
N PRO A 154 -19.09 -3.86 4.13
CA PRO A 154 -20.43 -3.75 3.53
C PRO A 154 -21.54 -4.26 4.45
N GLN A 155 -21.19 -5.14 5.38
CA GLN A 155 -22.13 -5.65 6.38
C GLN A 155 -22.20 -4.81 7.65
N HIS A 156 -21.36 -3.78 7.81
CA HIS A 156 -21.22 -3.14 9.12
C HIS A 156 -21.04 -1.65 8.91
N VAL A 157 -22.06 -0.88 9.29
CA VAL A 157 -22.05 0.58 9.16
C VAL A 157 -22.10 1.19 10.55
N LYS A 158 -21.69 2.45 10.61
CA LYS A 158 -21.46 3.17 11.85
C LYS A 158 -21.75 4.65 11.63
N ILE A 159 -22.55 5.21 12.52
CA ILE A 159 -22.84 6.64 12.54
C ILE A 159 -21.64 7.42 13.08
N THR A 160 -21.36 8.59 12.50
CA THR A 160 -20.30 9.48 12.95
C THR A 160 -20.81 10.90 13.09
N ASP A 161 -19.99 11.73 13.75
CA ASP A 161 -20.16 13.18 13.80
C ASP A 161 -21.43 13.60 14.55
N PHE A 162 -21.85 12.80 15.54
CA PHE A 162 -22.96 13.21 16.39
C PHE A 162 -22.51 14.34 17.31
N GLY A 163 -23.33 15.39 17.41
CA GLY A 163 -22.98 16.56 18.19
C GLY A 163 -22.13 17.60 17.48
N LEU A 164 -21.78 17.38 16.21
CA LEU A 164 -20.88 18.31 15.54
C LEU A 164 -21.59 19.61 15.22
N ALA A 165 -22.83 19.52 14.76
CA ALA A 165 -23.64 20.70 14.51
C ALA A 165 -23.67 21.63 15.72
N LYS A 166 -23.74 21.05 16.92
CA LYS A 166 -23.76 21.87 18.14
C LYS A 166 -22.46 22.65 18.30
N LEU A 167 -21.32 21.94 18.35
CA LEU A 167 -20.02 22.59 18.53
C LEU A 167 -19.60 23.43 17.33
N LEU A 168 -20.42 23.47 16.28
CA LEU A 168 -20.10 24.31 15.12
C LEU A 168 -20.79 25.66 15.28
N VAL A 182 -25.97 24.12 7.21
CA VAL A 182 -27.24 23.81 7.87
C VAL A 182 -28.10 22.89 7.01
N PRO A 183 -28.10 21.58 7.35
CA PRO A 183 -28.76 20.60 6.48
C PRO A 183 -30.27 20.67 6.56
N ILE A 184 -30.87 21.66 5.91
CA ILE A 184 -32.31 21.88 6.09
C ILE A 184 -33.13 20.74 5.53
N LYS A 185 -32.68 20.13 4.44
CA LYS A 185 -33.47 19.07 3.82
C LYS A 185 -33.54 17.80 4.64
N TRP A 186 -32.82 17.72 5.76
CA TRP A 186 -32.81 16.57 6.67
C TRP A 186 -33.46 16.89 8.00
N MET A 187 -33.84 18.14 8.24
CA MET A 187 -34.26 18.59 9.56
C MET A 187 -35.77 18.55 9.73
N ALA A 188 -36.19 18.13 10.92
CA ALA A 188 -37.59 18.16 11.31
C ALA A 188 -38.13 19.58 11.21
N LEU A 189 -39.42 19.69 10.88
CA LEU A 189 -40.05 21.00 10.85
C LEU A 189 -39.70 21.81 12.10
N GLU A 190 -39.83 21.20 13.29
CA GLU A 190 -39.63 21.99 14.50
C GLU A 190 -38.20 22.48 14.61
N SER A 191 -37.25 21.79 13.97
CA SER A 191 -35.85 22.21 14.02
C SER A 191 -35.56 23.38 13.08
N ILE A 192 -36.27 23.44 11.94
CA ILE A 192 -36.17 24.58 11.05
C ILE A 192 -36.78 25.83 11.68
N LEU A 193 -37.99 25.73 12.22
CA LEU A 193 -38.68 26.93 12.68
C LEU A 193 -38.13 27.43 14.02
N HIS A 194 -37.81 26.51 14.94
CA HIS A 194 -37.58 26.87 16.33
C HIS A 194 -36.24 26.42 16.88
N ARG A 195 -35.35 25.85 16.05
CA ARG A 195 -34.05 25.37 16.47
C ARG A 195 -34.17 24.41 17.65
N ILE A 196 -35.27 23.67 17.68
CA ILE A 196 -35.53 22.63 18.66
C ILE A 196 -34.92 21.34 18.13
N TYR A 197 -33.99 20.75 18.88
CA TYR A 197 -33.38 19.47 18.54
C TYR A 197 -33.61 18.49 19.68
N THR A 198 -34.32 17.40 19.39
CA THR A 198 -34.61 16.31 20.32
C THR A 198 -34.19 14.99 19.66
N HIS A 199 -34.46 13.89 20.36
CA HIS A 199 -34.29 12.59 19.73
C HIS A 199 -35.37 12.33 18.71
N GLN A 200 -36.54 12.94 18.87
CA GLN A 200 -37.58 12.74 17.88
C GLN A 200 -37.30 13.54 16.61
N SER A 201 -36.59 14.67 16.70
CA SER A 201 -36.14 15.29 15.46
C SER A 201 -35.06 14.43 14.79
N ASP A 202 -34.22 13.74 15.58
CA ASP A 202 -33.31 12.78 14.97
C ASP A 202 -34.04 11.68 14.24
N VAL A 203 -35.29 11.38 14.65
CA VAL A 203 -36.07 10.36 13.96
C VAL A 203 -36.53 10.87 12.59
N TRP A 204 -36.90 12.14 12.50
CA TRP A 204 -37.19 12.74 11.20
C TRP A 204 -36.00 12.55 10.26
N SER A 205 -34.81 12.87 10.75
CA SER A 205 -33.59 12.75 9.97
C SER A 205 -33.34 11.32 9.55
N TYR A 206 -33.49 10.39 10.49
CA TYR A 206 -33.38 8.97 10.16
C TYR A 206 -34.25 8.63 8.96
N GLY A 207 -35.48 9.13 8.95
CA GLY A 207 -36.36 8.87 7.82
C GLY A 207 -35.80 9.38 6.50
N VAL A 208 -35.19 10.56 6.50
CA VAL A 208 -34.62 11.08 5.26
C VAL A 208 -33.42 10.23 4.84
N THR A 209 -32.67 9.71 5.82
CA THR A 209 -31.51 8.87 5.55
C THR A 209 -31.92 7.52 4.97
N VAL A 210 -33.06 6.98 5.42
CA VAL A 210 -33.53 5.74 4.81
C VAL A 210 -33.97 6.03 3.38
N TRP A 211 -34.66 7.16 3.18
CA TRP A 211 -34.99 7.60 1.82
C TRP A 211 -33.74 7.67 0.95
N GLU A 212 -32.67 8.30 1.46
CA GLU A 212 -31.41 8.35 0.71
C GLU A 212 -30.96 6.97 0.30
N LEU A 213 -30.92 6.04 1.26
CA LEU A 213 -30.50 4.67 0.98
C LEU A 213 -31.40 4.02 -0.07
N MET A 214 -32.70 4.27 0.00
CA MET A 214 -33.63 3.54 -0.85
C MET A 214 -33.62 4.08 -2.28
N THR A 215 -33.30 5.36 -2.48
CA THR A 215 -33.08 5.90 -3.81
C THR A 215 -31.62 5.77 -4.29
N PHE A 216 -30.82 4.92 -3.65
CA PHE A 216 -29.40 4.75 -4.01
C PHE A 216 -28.68 6.09 -4.07
N GLY A 217 -29.05 6.99 -3.16
CA GLY A 217 -28.29 8.20 -2.94
C GLY A 217 -28.79 9.46 -3.60
N SER A 218 -30.08 9.54 -3.97
CA SER A 218 -30.64 10.76 -4.56
C SER A 218 -30.62 11.91 -3.57
N LYS A 219 -30.61 13.13 -4.09
CA LYS A 219 -30.65 14.27 -3.20
C LYS A 219 -32.10 14.56 -2.82
N PRO A 220 -32.39 14.78 -1.54
CA PRO A 220 -33.78 15.01 -1.13
C PRO A 220 -34.27 16.38 -1.59
N TYR A 221 -35.53 16.45 -2.01
CA TYR A 221 -36.13 17.71 -2.46
C TYR A 221 -35.26 18.36 -3.53
N ASP A 222 -34.81 17.55 -4.49
CA ASP A 222 -33.65 17.95 -5.29
C ASP A 222 -33.91 19.20 -6.11
N GLY A 223 -35.14 19.42 -6.53
CA GLY A 223 -35.46 20.73 -7.06
C GLY A 223 -35.42 21.77 -5.96
N ILE A 224 -36.39 21.67 -5.05
CA ILE A 224 -36.78 22.73 -4.12
C ILE A 224 -35.61 23.44 -3.45
N PRO A 225 -35.61 24.77 -3.37
CA PRO A 225 -34.57 25.48 -2.62
C PRO A 225 -34.78 25.36 -1.11
N ALA A 226 -33.66 25.33 -0.39
CA ALA A 226 -33.67 25.05 1.05
C ALA A 226 -34.56 26.03 1.82
N SER A 227 -34.60 27.29 1.39
CA SER A 227 -35.36 28.33 2.08
C SER A 227 -36.87 28.13 1.94
N GLU A 228 -37.29 27.29 1.02
CA GLU A 228 -38.70 27.04 0.81
C GLU A 228 -39.13 25.69 1.38
N ILE A 229 -38.22 24.98 2.05
CA ILE A 229 -38.55 23.62 2.49
C ILE A 229 -39.61 23.63 3.59
N SER A 230 -39.47 24.52 4.59
CA SER A 230 -40.48 24.55 5.65
C SER A 230 -41.87 24.82 5.10
N SER A 231 -41.97 25.61 4.03
CA SER A 231 -43.26 25.89 3.41
C SER A 231 -43.93 24.60 2.95
N ILE A 232 -43.22 23.79 2.17
CA ILE A 232 -43.88 22.63 1.58
C ILE A 232 -44.17 21.57 2.64
N LEU A 233 -43.36 21.49 3.70
CA LEU A 233 -43.63 20.54 4.77
C LEU A 233 -44.93 20.87 5.50
N GLU A 234 -45.23 22.17 5.65
CA GLU A 234 -46.50 22.54 6.29
C GLU A 234 -47.67 22.27 5.37
N LYS A 235 -47.48 22.43 4.06
CA LYS A 235 -48.55 22.07 3.13
C LYS A 235 -48.79 20.57 3.10
N GLY A 236 -47.99 19.77 3.80
CA GLY A 236 -48.13 18.33 3.86
C GLY A 236 -47.40 17.55 2.78
N GLU A 237 -46.56 18.19 1.99
CA GLU A 237 -45.71 17.46 1.05
C GLU A 237 -44.56 16.78 1.77
N ARG A 238 -44.25 15.54 1.34
CA ARG A 238 -43.11 14.78 1.84
C ARG A 238 -42.40 14.12 0.67
N LEU A 239 -41.16 13.68 0.93
CA LEU A 239 -40.38 12.94 -0.06
C LEU A 239 -41.21 11.78 -0.61
N PRO A 240 -41.11 11.48 -1.90
CA PRO A 240 -42.01 10.50 -2.52
C PRO A 240 -41.53 9.08 -2.32
N GLN A 241 -42.46 8.15 -2.53
CA GLN A 241 -42.19 6.74 -2.36
C GLN A 241 -41.09 6.31 -3.31
N PRO A 242 -39.97 5.80 -2.83
CA PRO A 242 -38.93 5.35 -3.75
C PRO A 242 -39.38 4.10 -4.47
N PRO A 243 -39.06 4.00 -5.77
CA PRO A 243 -39.52 2.89 -6.61
C PRO A 243 -39.42 1.51 -5.99
N ILE A 244 -38.30 1.19 -5.32
CA ILE A 244 -38.11 -0.16 -4.78
C ILE A 244 -38.84 -0.39 -3.47
N CYS A 245 -39.43 0.63 -2.87
CA CYS A 245 -40.02 0.49 -1.54
C CYS A 245 -41.46 0.02 -1.63
N THR A 246 -41.79 -1.08 -0.95
CA THR A 246 -43.19 -1.42 -0.76
C THR A 246 -43.85 -0.37 0.13
N ILE A 247 -45.18 -0.32 0.09
CA ILE A 247 -45.93 0.63 0.90
C ILE A 247 -45.59 0.44 2.38
N ASP A 248 -45.32 -0.79 2.81
CA ASP A 248 -44.90 -1.03 4.19
C ASP A 248 -43.72 -0.14 4.61
N VAL A 249 -42.69 -0.07 3.76
CA VAL A 249 -41.50 0.70 4.12
C VAL A 249 -41.78 2.19 4.02
N TYR A 250 -42.45 2.62 2.96
CA TYR A 250 -42.79 4.03 2.83
C TYR A 250 -43.71 4.49 3.95
N MET A 251 -44.55 3.59 4.50
CA MET A 251 -45.35 3.93 5.67
C MET A 251 -44.45 4.38 6.82
N ILE A 252 -43.39 3.63 7.07
CA ILE A 252 -42.51 3.92 8.19
C ILE A 252 -41.80 5.26 7.98
N MET A 253 -41.38 5.52 6.74
CA MET A 253 -40.73 6.79 6.45
C MET A 253 -41.70 7.94 6.69
N ARG A 254 -42.96 7.77 6.30
CA ARG A 254 -43.92 8.86 6.44
C ARG A 254 -44.23 9.14 7.90
N LYS A 255 -44.23 8.11 8.76
CA LYS A 255 -44.43 8.34 10.19
C LYS A 255 -43.28 9.14 10.78
N CYS A 256 -42.04 8.86 10.34
CA CYS A 256 -40.88 9.61 10.82
C CYS A 256 -41.00 11.11 10.58
N TRP A 257 -41.85 11.51 9.63
CA TRP A 257 -42.00 12.90 9.22
C TRP A 257 -43.36 13.49 9.61
N MET A 258 -43.98 12.99 10.69
CA MET A 258 -45.18 13.65 11.18
C MET A 258 -44.81 14.94 11.89
N ILE A 259 -45.76 15.88 11.91
CA ILE A 259 -45.49 17.21 12.47
C ILE A 259 -45.32 17.11 13.97
N ASP A 260 -46.20 16.36 14.62
CA ASP A 260 -46.12 16.17 16.07
C ASP A 260 -44.97 15.21 16.35
N ALA A 261 -43.85 15.75 16.86
CA ALA A 261 -42.67 14.95 17.12
C ALA A 261 -43.01 13.66 17.85
N ASP A 262 -43.90 13.73 18.84
CA ASP A 262 -44.18 12.56 19.66
C ASP A 262 -45.01 11.51 18.93
N SER A 263 -45.63 11.87 17.81
CA SER A 263 -46.26 10.84 17.00
C SER A 263 -45.29 10.00 16.20
N ARG A 264 -43.98 10.37 16.18
CA ARG A 264 -43.05 9.63 15.35
C ARG A 264 -42.62 8.35 16.06
N PRO A 265 -42.26 7.31 15.30
CA PRO A 265 -41.74 6.09 15.92
C PRO A 265 -40.59 6.39 16.87
N LYS A 266 -40.37 5.52 17.86
CA LYS A 266 -39.15 5.54 18.63
C LYS A 266 -38.08 4.72 17.90
N PHE A 267 -36.81 5.07 18.14
CA PHE A 267 -35.75 4.29 17.51
C PHE A 267 -35.84 2.82 17.89
N ARG A 268 -36.24 2.49 19.12
CA ARG A 268 -36.38 1.08 19.50
C ARG A 268 -37.40 0.37 18.61
N GLU A 269 -38.50 1.06 18.28
CA GLU A 269 -39.52 0.48 17.41
C GLU A 269 -39.03 0.30 15.98
N LEU A 270 -38.22 1.26 15.49
CA LEU A 270 -37.65 1.13 14.14
C LEU A 270 -36.77 -0.11 14.03
N ILE A 271 -35.91 -0.35 15.03
CA ILE A 271 -35.10 -1.57 15.07
C ILE A 271 -35.97 -2.80 14.89
N ILE A 272 -37.09 -2.85 15.63
CA ILE A 272 -37.97 -4.02 15.59
C ILE A 272 -38.64 -4.13 14.22
N GLU A 273 -39.21 -3.03 13.72
CA GLU A 273 -39.90 -3.11 12.44
C GLU A 273 -38.93 -3.45 11.31
N PHE A 274 -37.78 -2.78 11.28
CA PHE A 274 -36.84 -3.10 10.21
C PHE A 274 -36.25 -4.48 10.40
N SER A 275 -36.10 -4.94 11.65
CA SER A 275 -35.56 -6.27 11.85
C SER A 275 -36.50 -7.35 11.30
N LYS A 276 -37.80 -7.16 11.49
CA LYS A 276 -38.77 -8.10 10.93
C LYS A 276 -38.75 -8.08 9.40
N MET A 277 -38.71 -6.89 8.78
CA MET A 277 -38.59 -6.84 7.32
C MET A 277 -37.32 -7.51 6.81
N ALA A 278 -36.20 -7.42 7.54
CA ALA A 278 -34.94 -8.02 7.07
C ALA A 278 -34.92 -9.54 7.20
N ARG A 279 -35.88 -10.15 7.90
CA ARG A 279 -36.05 -11.59 7.82
C ARG A 279 -36.72 -12.04 6.54
N ASP A 280 -37.18 -11.08 5.69
CA ASP A 280 -37.82 -11.38 4.42
C ASP A 280 -37.73 -10.16 3.50
N PRO A 281 -36.52 -9.84 3.03
CA PRO A 281 -36.31 -8.54 2.39
C PRO A 281 -36.98 -8.39 1.03
N GLN A 282 -37.07 -9.49 0.26
CA GLN A 282 -37.70 -9.41 -1.05
C GLN A 282 -39.19 -9.12 -0.94
N ARG A 283 -39.78 -9.33 0.23
CA ARG A 283 -41.18 -8.96 0.46
C ARG A 283 -41.35 -7.45 0.56
N TYR A 284 -40.35 -6.74 1.10
CA TYR A 284 -40.54 -5.34 1.42
C TYR A 284 -39.79 -4.41 0.48
N LEU A 285 -38.90 -4.94 -0.33
CA LEU A 285 -38.16 -4.17 -1.32
C LEU A 285 -38.19 -4.95 -2.63
N VAL A 286 -38.57 -4.28 -3.70
CA VAL A 286 -38.69 -4.93 -5.01
C VAL A 286 -37.58 -4.39 -5.89
N ILE A 287 -36.56 -5.22 -6.10
CA ILE A 287 -35.33 -4.79 -6.75
C ILE A 287 -35.05 -5.72 -7.93
N GLN A 288 -34.85 -5.13 -9.11
CA GLN A 288 -34.53 -5.91 -10.30
C GLN A 288 -33.11 -6.46 -10.16
N GLY A 289 -33.02 -7.77 -10.01
CA GLY A 289 -31.75 -8.47 -9.85
C GLY A 289 -31.59 -9.16 -8.52
N ASP A 290 -32.62 -9.15 -7.65
CA ASP A 290 -32.39 -9.36 -6.23
C ASP A 290 -32.06 -10.81 -5.90
N GLU A 291 -32.70 -11.76 -6.60
CA GLU A 291 -32.56 -13.17 -6.23
C GLU A 291 -31.10 -13.61 -6.30
N ARG A 292 -30.42 -13.28 -7.40
CA ARG A 292 -29.02 -13.62 -7.58
C ARG A 292 -28.08 -12.51 -7.11
N MET A 293 -28.60 -11.51 -6.39
CA MET A 293 -27.78 -10.45 -5.83
C MET A 293 -27.03 -10.93 -4.61
N HIS A 294 -25.76 -10.53 -4.50
CA HIS A 294 -24.91 -10.96 -3.39
C HIS A 294 -25.52 -10.60 -2.04
N LEU A 295 -25.46 -11.57 -1.11
CA LEU A 295 -25.91 -11.44 0.27
C LEU A 295 -24.69 -11.55 1.19
N PRO A 296 -24.79 -12.20 2.35
CA PRO A 296 -23.62 -12.26 3.24
C PRO A 296 -22.69 -13.41 2.90
N SER A 297 -23.11 -14.64 3.27
CA SER A 297 -22.33 -15.89 3.24
C SER A 297 -21.45 -15.96 4.48
N PRO A 298 -21.69 -16.93 5.35
CA PRO A 298 -20.81 -17.13 6.52
C PRO A 298 -19.31 -17.15 6.24
N THR A 299 -18.87 -17.75 5.12
CA THR A 299 -17.44 -17.78 4.84
C THR A 299 -16.87 -16.38 4.66
N ASP A 300 -17.54 -15.56 3.84
CA ASP A 300 -17.08 -14.19 3.64
C ASP A 300 -17.19 -13.37 4.92
N SER A 301 -18.21 -13.63 5.73
CA SER A 301 -18.43 -12.82 6.91
C SER A 301 -17.35 -13.08 7.95
N ASN A 302 -17.08 -14.36 8.23
CA ASN A 302 -15.91 -14.70 9.05
C ASN A 302 -14.67 -14.00 8.53
N PHE A 303 -14.56 -13.90 7.21
CA PHE A 303 -13.33 -13.40 6.60
C PHE A 303 -13.18 -11.90 6.84
N TYR A 304 -14.15 -11.11 6.38
CA TYR A 304 -14.19 -9.70 6.72
C TYR A 304 -13.91 -9.50 8.21
N ARG A 305 -14.62 -10.27 9.04
CA ARG A 305 -14.53 -10.09 10.48
C ARG A 305 -13.12 -10.36 10.99
N ALA A 306 -12.59 -11.55 10.68
CA ALA A 306 -11.26 -11.94 11.12
C ALA A 306 -10.20 -10.98 10.61
N LEU A 307 -10.36 -10.49 9.38
CA LEU A 307 -9.33 -9.62 8.80
C LEU A 307 -9.32 -8.25 9.46
N MET A 308 -10.49 -7.62 9.55
CA MET A 308 -10.56 -6.20 9.86
C MET A 308 -11.73 -5.77 10.73
N ASP A 309 -12.48 -6.69 11.31
CA ASP A 309 -13.66 -6.31 12.07
C ASP A 309 -13.91 -7.31 13.20
N GLU A 310 -12.98 -7.38 14.14
CA GLU A 310 -13.06 -8.34 15.25
C GLU A 310 -13.91 -7.82 16.42
N GLU A 311 -14.66 -6.74 16.27
CA GLU A 311 -15.33 -6.08 17.39
C GLU A 311 -16.69 -6.70 17.73
N GLN B 7 8.12 20.77 2.26
CA GLN B 7 9.41 21.49 2.26
C GLN B 7 10.54 20.63 1.68
N ALA B 8 10.61 19.36 2.04
CA ALA B 8 11.51 18.46 1.34
C ALA B 8 10.95 18.02 -0.01
N LEU B 9 9.75 18.47 -0.36
CA LEU B 9 9.13 18.10 -1.63
C LEU B 9 9.64 18.92 -2.82
N LEU B 10 10.17 20.13 -2.58
CA LEU B 10 10.60 21.01 -3.65
C LEU B 10 12.13 21.08 -3.67
N ARG B 11 12.72 20.64 -4.77
CA ARG B 11 14.16 20.73 -4.94
C ARG B 11 14.51 22.02 -5.67
N ILE B 12 15.37 22.81 -5.05
CA ILE B 12 15.89 24.04 -5.66
C ILE B 12 17.11 23.68 -6.49
N LEU B 13 17.15 24.15 -7.72
CA LEU B 13 18.22 23.78 -8.63
C LEU B 13 19.06 25.00 -9.00
N LYS B 14 20.37 24.78 -9.16
CA LYS B 14 21.21 25.79 -9.77
C LYS B 14 21.16 25.64 -11.29
N GLU B 15 21.41 26.73 -12.00
CA GLU B 15 21.30 26.67 -13.46
C GLU B 15 22.24 25.64 -14.05
N THR B 16 23.38 25.38 -13.40
CA THR B 16 24.39 24.52 -13.99
C THR B 16 23.98 23.06 -14.05
N GLU B 17 22.96 22.62 -13.31
CA GLU B 17 22.69 21.19 -13.25
C GLU B 17 21.62 20.72 -14.22
N PHE B 18 21.10 21.60 -15.08
CA PHE B 18 20.17 21.19 -16.12
C PHE B 18 20.40 22.05 -17.37
N LYS B 19 19.85 21.59 -18.49
CA LYS B 19 20.02 22.25 -19.77
C LYS B 19 18.79 22.01 -20.65
N LYS B 20 18.39 23.04 -21.41
CA LYS B 20 17.24 22.92 -22.31
C LYS B 20 17.74 22.49 -23.70
N ILE B 21 17.02 21.54 -24.30
CA ILE B 21 17.42 20.96 -25.58
C ILE B 21 16.50 21.39 -26.71
N LYS B 22 15.18 21.50 -26.46
CA LYS B 22 14.32 22.04 -27.50
C LYS B 22 13.01 22.48 -26.87
N VAL B 23 12.36 23.46 -27.50
CA VAL B 23 11.13 23.98 -26.94
C VAL B 23 9.99 23.07 -27.37
N LEU B 24 9.10 22.79 -26.42
CA LEU B 24 7.92 21.98 -26.71
C LEU B 24 6.74 22.85 -27.06
N GLY B 25 6.70 24.05 -26.53
CA GLY B 25 5.59 24.92 -26.82
C GLY B 25 5.62 26.12 -25.91
N SER B 26 4.58 26.92 -26.02
CA SER B 26 4.48 28.12 -25.23
C SER B 26 3.00 28.43 -25.05
N GLY B 27 2.74 29.46 -24.25
CA GLY B 27 1.39 29.80 -23.88
C GLY B 27 1.38 31.09 -23.11
N ALA B 28 0.25 31.34 -22.44
CA ALA B 28 0.10 32.57 -21.69
C ALA B 28 1.02 32.65 -20.48
N PHE B 29 1.59 31.54 -20.02
CA PHE B 29 2.41 31.57 -18.82
C PHE B 29 3.91 31.56 -19.11
N GLY B 30 4.35 30.95 -20.21
CA GLY B 30 5.76 30.99 -20.55
C GLY B 30 6.04 29.99 -21.66
N THR B 31 7.29 29.56 -21.73
CA THR B 31 7.73 28.61 -22.72
C THR B 31 8.10 27.30 -22.03
N VAL B 32 7.87 26.20 -22.72
CA VAL B 32 8.10 24.87 -22.19
C VAL B 32 9.19 24.24 -23.04
N TYR B 33 10.28 23.82 -22.37
CA TYR B 33 11.36 23.09 -23.02
C TYR B 33 11.39 21.65 -22.52
N LYS B 34 11.72 20.74 -23.43
CA LYS B 34 12.35 19.49 -23.01
C LYS B 34 13.77 19.79 -22.60
N GLY B 35 14.18 19.25 -21.43
CA GLY B 35 15.51 19.48 -20.92
C GLY B 35 16.10 18.21 -20.34
N LEU B 36 17.38 18.29 -19.97
CA LEU B 36 18.06 17.18 -19.31
C LEU B 36 18.58 17.62 -17.95
N TRP B 37 18.28 16.82 -16.93
CA TRP B 37 18.90 16.99 -15.63
C TRP B 37 20.26 16.27 -15.62
N ILE B 38 21.28 16.96 -15.12
CA ILE B 38 22.62 16.39 -14.98
C ILE B 38 22.98 16.41 -13.50
N PRO B 39 22.70 15.36 -12.74
CA PRO B 39 22.97 15.41 -11.29
C PRO B 39 24.47 15.54 -11.02
N GLU B 40 24.78 16.29 -9.97
CA GLU B 40 26.16 16.55 -9.57
C GLU B 40 26.99 15.27 -9.52
N GLY B 41 28.16 15.32 -10.16
CA GLY B 41 29.13 14.25 -10.07
C GLY B 41 28.74 12.98 -10.78
N GLU B 42 27.78 13.04 -11.70
CA GLU B 42 27.35 11.88 -12.46
C GLU B 42 27.52 12.18 -13.94
N LYS B 43 27.46 11.12 -14.74
CA LYS B 43 27.57 11.23 -16.18
C LYS B 43 26.24 11.06 -16.90
N VAL B 44 25.13 10.99 -16.17
CA VAL B 44 23.85 10.71 -16.81
C VAL B 44 23.15 12.02 -17.12
N LYS B 45 22.27 11.97 -18.11
CA LYS B 45 21.43 13.09 -18.50
C LYS B 45 19.97 12.65 -18.46
N ILE B 46 19.20 13.18 -17.51
CA ILE B 46 17.85 12.69 -17.23
C ILE B 46 16.85 13.66 -17.85
N PRO B 47 16.00 13.21 -18.78
CA PRO B 47 15.01 14.13 -19.38
C PRO B 47 14.02 14.70 -18.37
N VAL B 48 13.74 15.99 -18.51
CA VAL B 48 12.71 16.68 -17.71
C VAL B 48 11.95 17.62 -18.62
N ALA B 49 10.85 18.14 -18.11
CA ALA B 49 10.18 19.29 -18.70
C ALA B 49 10.55 20.52 -17.89
N ILE B 50 10.66 21.65 -18.56
CA ILE B 50 11.01 22.89 -17.89
C ILE B 50 10.07 23.98 -18.42
N LYS B 51 9.39 24.67 -17.52
CA LYS B 51 8.60 25.83 -17.90
C LYS B 51 9.29 27.08 -17.39
N GLU B 52 9.80 27.88 -18.31
CA GLU B 52 10.34 29.19 -17.98
C GLU B 52 9.23 30.21 -18.10
N LEU B 53 8.86 30.83 -16.99
CA LEU B 53 7.82 31.84 -17.07
C LEU B 53 8.35 33.07 -17.79
N ARG B 54 7.42 33.86 -18.33
CA ARG B 54 7.80 35.05 -19.05
C ARG B 54 7.89 36.28 -18.15
N GLU B 55 7.52 36.15 -16.87
CA GLU B 55 7.43 37.28 -15.93
C GLU B 55 6.32 38.26 -16.30
N SER B 58 2.66 42.20 -12.72
CA SER B 58 3.26 42.49 -11.42
C SER B 58 4.30 41.46 -11.04
N PRO B 59 5.58 41.79 -11.26
CA PRO B 59 6.63 40.86 -10.86
C PRO B 59 6.53 40.59 -9.38
N LYS B 60 6.42 39.33 -9.01
CA LYS B 60 6.22 38.99 -7.60
C LYS B 60 7.50 38.88 -6.82
N ALA B 61 7.34 38.89 -5.52
CA ALA B 61 8.49 38.80 -4.68
C ALA B 61 9.01 37.41 -4.69
N ASN B 62 10.30 37.28 -4.44
CA ASN B 62 10.93 35.97 -4.49
C ASN B 62 10.37 35.05 -3.41
N LYS B 63 10.15 35.59 -2.21
CA LYS B 63 9.53 34.81 -1.15
C LYS B 63 8.18 34.25 -1.60
N GLU B 64 7.35 35.10 -2.21
CA GLU B 64 6.02 34.66 -2.63
C GLU B 64 6.12 33.60 -3.73
N ILE B 65 7.05 33.77 -4.67
CA ILE B 65 7.23 32.75 -5.70
C ILE B 65 7.61 31.41 -5.08
N LEU B 66 8.48 31.43 -4.07
CA LEU B 66 8.84 30.20 -3.39
C LEU B 66 7.67 29.62 -2.58
N ASP B 67 6.93 30.49 -1.88
CA ASP B 67 5.83 30.01 -1.03
C ASP B 67 4.81 29.24 -1.84
N GLU B 68 4.48 29.76 -3.02
CA GLU B 68 3.49 29.12 -3.87
CA GLU B 68 3.50 29.14 -3.88
C GLU B 68 4.07 27.95 -4.63
N ALA B 69 5.38 27.92 -4.86
CA ALA B 69 6.00 26.73 -5.45
C ALA B 69 6.01 25.57 -4.48
N TYR B 70 6.18 25.83 -3.18
CA TYR B 70 6.07 24.75 -2.19
C TYR B 70 4.68 24.11 -2.24
N VAL B 71 3.63 24.93 -2.23
CA VAL B 71 2.27 24.40 -2.37
C VAL B 71 2.18 23.57 -3.65
N MET B 72 2.71 24.11 -4.75
CA MET B 72 2.64 23.41 -6.03
C MET B 72 3.37 22.08 -5.98
N ALA B 73 4.44 22.01 -5.18
CA ALA B 73 5.21 20.79 -5.01
C ALA B 73 4.55 19.79 -4.08
N SER B 74 3.57 20.22 -3.27
CA SER B 74 2.94 19.35 -2.30
C SER B 74 1.74 18.59 -2.85
N VAL B 75 1.33 18.83 -4.08
CA VAL B 75 0.17 18.13 -4.61
C VAL B 75 0.59 16.72 -4.99
N ASP B 76 -0.05 15.73 -4.37
CA ASP B 76 0.31 14.33 -4.49
C ASP B 76 -0.95 13.55 -4.88
N ASN B 77 -1.13 13.33 -6.18
CA ASN B 77 -2.29 12.60 -6.68
C ASN B 77 -1.94 12.11 -8.07
N PRO B 78 -2.30 10.88 -8.41
CA PRO B 78 -1.84 10.30 -9.70
C PRO B 78 -2.42 11.02 -10.91
N HIS B 79 -3.29 12.03 -10.70
CA HIS B 79 -3.90 12.75 -11.80
C HIS B 79 -3.66 14.26 -11.75
N VAL B 80 -2.78 14.73 -10.89
CA VAL B 80 -2.32 16.11 -10.94
C VAL B 80 -0.79 16.12 -11.01
N CYS B 81 -0.24 16.97 -11.86
CA CYS B 81 1.21 17.03 -11.99
C CYS B 81 1.82 17.71 -10.78
N ARG B 82 2.82 17.08 -10.19
CA ARG B 82 3.55 17.66 -9.08
C ARG B 82 4.67 18.54 -9.61
N LEU B 83 4.84 19.71 -9.02
CA LEU B 83 6.06 20.48 -9.26
C LEU B 83 7.22 19.81 -8.51
N LEU B 84 8.26 19.42 -9.25
CA LEU B 84 9.41 18.71 -8.68
C LEU B 84 10.50 19.65 -8.20
N GLY B 85 10.78 20.70 -8.96
CA GLY B 85 11.89 21.58 -8.65
C GLY B 85 11.72 22.95 -9.29
N ILE B 86 12.57 23.87 -8.86
CA ILE B 86 12.48 25.27 -9.29
C ILE B 86 13.88 25.87 -9.35
N CYS B 87 14.09 26.74 -10.34
CA CYS B 87 15.34 27.48 -10.52
C CYS B 87 15.02 28.96 -10.53
N LEU B 88 15.39 29.65 -9.46
CA LEU B 88 15.21 31.09 -9.37
C LEU B 88 16.50 31.78 -9.82
N THR B 89 16.47 32.40 -10.99
CA THR B 89 17.61 33.20 -11.40
C THR B 89 17.15 34.60 -11.79
N SER B 90 17.71 35.12 -12.88
CA SER B 90 17.05 36.24 -13.53
C SER B 90 15.63 35.86 -13.95
N THR B 91 15.28 34.58 -13.91
CA THR B 91 13.98 34.11 -14.39
C THR B 91 13.50 32.99 -13.50
N VAL B 92 12.24 32.58 -13.72
CA VAL B 92 11.61 31.50 -12.96
C VAL B 92 11.52 30.29 -13.88
N GLN B 93 12.17 29.20 -13.48
CA GLN B 93 12.13 27.99 -14.27
C GLN B 93 11.59 26.87 -13.39
N LEU B 94 10.49 26.25 -13.83
CA LEU B 94 9.87 25.17 -13.10
C LEU B 94 10.25 23.85 -13.75
N ILE B 95 10.50 22.84 -12.93
CA ILE B 95 10.93 21.55 -13.44
C ILE B 95 9.91 20.51 -13.00
N MET B 96 9.50 19.68 -13.95
CA MET B 96 8.51 18.65 -13.71
C MET B 96 8.86 17.46 -14.57
N GLN B 97 8.16 16.36 -14.29
CA GLN B 97 8.30 15.16 -15.09
C GLN B 97 7.93 15.48 -16.53
N LEU B 98 8.68 14.89 -17.45
CA LEU B 98 8.46 15.10 -18.87
C LEU B 98 7.42 14.10 -19.38
N MET B 99 6.47 14.60 -20.13
CA MET B 99 5.38 13.82 -20.70
C MET B 99 5.60 13.67 -22.20
N PRO B 100 6.25 12.60 -22.66
CA PRO B 100 6.52 12.49 -24.10
C PRO B 100 5.27 12.50 -24.97
N PHE B 101 4.08 12.21 -24.43
CA PHE B 101 2.87 12.22 -25.24
C PHE B 101 2.28 13.61 -25.45
N GLY B 102 2.60 14.57 -24.60
CA GLY B 102 2.08 15.92 -24.78
C GLY B 102 0.70 16.09 -24.15
N CYS B 103 0.04 17.17 -24.55
CA CYS B 103 -1.29 17.51 -24.02
C CYS B 103 -2.44 16.73 -24.60
N LEU B 104 -3.51 16.64 -23.83
CA LEU B 104 -4.64 15.82 -24.25
C LEU B 104 -5.41 16.45 -25.41
N LEU B 105 -5.49 17.78 -25.47
CA LEU B 105 -6.13 18.43 -26.62
C LEU B 105 -5.48 17.97 -27.93
N ASP B 106 -4.15 18.12 -28.05
CA ASP B 106 -3.47 17.72 -29.28
C ASP B 106 -3.63 16.23 -29.52
N TYR B 107 -3.65 15.44 -28.45
CA TYR B 107 -3.78 14.00 -28.61
C TYR B 107 -5.17 13.62 -29.13
N VAL B 108 -6.24 14.23 -28.59
CA VAL B 108 -7.57 13.91 -29.10
C VAL B 108 -7.73 14.42 -30.52
N ARG B 109 -7.08 15.54 -30.87
CA ARG B 109 -7.10 16.01 -32.26
C ARG B 109 -6.39 15.04 -33.19
N GLU B 110 -5.17 14.63 -32.85
CA GLU B 110 -4.43 13.72 -33.74
C GLU B 110 -5.11 12.37 -33.88
N HIS B 111 -5.91 11.95 -32.91
CA HIS B 111 -6.58 10.66 -32.98
C HIS B 111 -8.10 10.82 -33.20
N LYS B 112 -8.52 11.89 -33.88
CA LYS B 112 -9.95 12.16 -34.09
C LYS B 112 -10.72 10.95 -34.60
N ASP B 113 -10.12 10.15 -35.47
CA ASP B 113 -10.83 9.06 -36.13
C ASP B 113 -10.58 7.70 -35.48
N ASN B 114 -9.94 7.63 -34.31
CA ASN B 114 -9.60 6.33 -33.76
C ASN B 114 -9.69 6.26 -32.24
N ILE B 115 -10.39 7.17 -31.58
CA ILE B 115 -10.45 7.16 -30.11
C ILE B 115 -11.72 6.44 -29.66
N GLY B 116 -11.54 5.43 -28.82
CA GLY B 116 -12.67 4.67 -28.33
C GLY B 116 -13.34 5.31 -27.13
N SER B 117 -14.64 5.05 -26.99
CA SER B 117 -15.38 5.72 -25.93
C SER B 117 -14.87 5.39 -24.55
N GLN B 118 -14.27 4.21 -24.38
CA GLN B 118 -13.74 3.83 -23.09
C GLN B 118 -12.59 4.75 -22.66
N TYR B 119 -11.85 5.31 -23.61
CA TYR B 119 -10.83 6.28 -23.25
C TYR B 119 -11.43 7.59 -22.81
N LEU B 120 -12.27 8.17 -23.69
CA LEU B 120 -12.86 9.48 -23.43
C LEU B 120 -13.52 9.53 -22.06
N LEU B 121 -14.32 8.52 -21.73
CA LEU B 121 -14.97 8.52 -20.44
C LEU B 121 -14.00 8.19 -19.30
N ASN B 122 -12.97 7.39 -19.55
CA ASN B 122 -11.92 7.21 -18.55
C ASN B 122 -11.11 8.49 -18.32
N TRP B 123 -10.92 9.31 -19.35
CA TRP B 123 -10.28 10.61 -19.14
C TRP B 123 -11.13 11.56 -18.31
N CYS B 124 -12.45 11.52 -18.45
CA CYS B 124 -13.27 12.40 -17.62
C CYS B 124 -13.24 11.98 -16.15
N VAL B 125 -13.29 10.67 -15.89
CA VAL B 125 -13.13 10.16 -14.54
C VAL B 125 -11.82 10.69 -13.95
N GLN B 126 -10.73 10.56 -14.70
CA GLN B 126 -9.41 10.88 -14.19
C GLN B 126 -9.27 12.37 -13.96
N ILE B 127 -9.78 13.19 -14.88
CA ILE B 127 -9.71 14.64 -14.66
C ILE B 127 -10.59 15.04 -13.47
N ALA B 128 -11.73 14.35 -13.28
CA ALA B 128 -12.55 14.66 -12.12
C ALA B 128 -11.84 14.23 -10.83
N LYS B 129 -11.12 13.11 -10.88
CA LYS B 129 -10.36 12.68 -9.71
C LYS B 129 -9.29 13.70 -9.32
N GLY B 130 -8.55 14.21 -10.30
CA GLY B 130 -7.52 15.19 -9.98
C GLY B 130 -8.10 16.47 -9.43
N MET B 131 -9.21 16.93 -10.00
CA MET B 131 -9.88 18.16 -9.56
C MET B 131 -10.47 17.99 -8.17
N ASN B 132 -11.14 16.85 -7.94
CA ASN B 132 -11.64 16.53 -6.60
C ASN B 132 -10.54 16.60 -5.57
N TYR B 133 -9.32 16.16 -5.94
CA TYR B 133 -8.20 16.20 -5.01
C TYR B 133 -7.77 17.63 -4.72
N LEU B 134 -7.75 18.50 -5.74
CA LEU B 134 -7.45 19.91 -5.48
C LEU B 134 -8.52 20.56 -4.59
N GLU B 135 -9.79 20.20 -4.80
CA GLU B 135 -10.84 20.79 -3.96
C GLU B 135 -10.68 20.39 -2.49
N ASP B 136 -10.38 19.11 -2.23
CA ASP B 136 -10.16 18.67 -0.86
C ASP B 136 -8.95 19.35 -0.24
N ARG B 137 -7.98 19.77 -1.06
CA ARG B 137 -6.84 20.55 -0.58
C ARG B 137 -7.15 22.03 -0.55
N ARG B 138 -8.40 22.42 -0.83
CA ARG B 138 -8.83 23.81 -0.91
C ARG B 138 -7.95 24.63 -1.86
N LEU B 139 -7.52 24.00 -2.94
CA LEU B 139 -6.82 24.69 -4.01
C LEU B 139 -7.74 24.87 -5.21
N VAL B 140 -7.60 26.02 -5.87
CA VAL B 140 -8.42 26.39 -7.03
C VAL B 140 -7.50 26.45 -8.23
N HIS B 141 -7.87 25.78 -9.32
CA HIS B 141 -6.97 25.69 -10.48
C HIS B 141 -6.93 26.99 -11.27
N ARG B 142 -8.05 27.36 -11.89
CA ARG B 142 -8.32 28.62 -12.59
C ARG B 142 -8.05 28.54 -14.08
N ASP B 143 -7.42 27.50 -14.58
CA ASP B 143 -7.11 27.42 -16.00
C ASP B 143 -7.26 25.99 -16.48
N LEU B 144 -8.31 25.30 -16.01
CA LEU B 144 -8.60 23.97 -16.52
C LEU B 144 -9.06 24.07 -17.97
N ALA B 145 -8.41 23.31 -18.84
CA ALA B 145 -8.80 23.23 -20.24
C ALA B 145 -8.12 22.00 -20.78
N ALA B 146 -8.53 21.53 -21.97
CA ALA B 146 -7.90 20.30 -22.44
C ALA B 146 -6.40 20.47 -22.69
N ARG B 147 -5.96 21.70 -23.02
CA ARG B 147 -4.55 21.96 -23.23
C ARG B 147 -3.74 21.77 -21.96
N ASN B 148 -4.38 21.89 -20.80
CA ASN B 148 -3.73 21.72 -19.50
C ASN B 148 -4.03 20.37 -18.87
N VAL B 149 -4.24 19.35 -19.69
CA VAL B 149 -4.25 17.96 -19.26
C VAL B 149 -3.17 17.24 -20.06
N LEU B 150 -2.26 16.59 -19.36
CA LEU B 150 -1.12 15.93 -20.00
C LEU B 150 -1.35 14.44 -20.06
N VAL B 151 -0.94 13.84 -21.16
CA VAL B 151 -1.01 12.41 -21.35
C VAL B 151 0.31 11.82 -20.88
N LYS B 152 0.29 11.08 -19.76
CA LYS B 152 1.43 10.28 -19.37
C LYS B 152 1.50 9.02 -20.22
N THR B 153 0.43 8.23 -20.21
CA THR B 153 0.13 7.20 -21.19
C THR B 153 -1.31 7.42 -21.64
N PRO B 154 -1.71 6.82 -22.77
CA PRO B 154 -3.10 7.00 -23.23
C PRO B 154 -4.12 6.68 -22.14
N GLN B 155 -3.82 5.76 -21.24
CA GLN B 155 -4.72 5.37 -20.17
C GLN B 155 -4.55 6.21 -18.91
N HIS B 156 -3.67 7.22 -18.91
CA HIS B 156 -3.32 7.91 -17.65
C HIS B 156 -3.05 9.38 -17.97
N VAL B 157 -4.02 10.22 -17.70
CA VAL B 157 -3.88 11.65 -17.92
C VAL B 157 -3.78 12.35 -16.56
N LYS B 158 -3.21 13.54 -16.58
CA LYS B 158 -2.95 14.32 -15.37
C LYS B 158 -3.09 15.79 -15.67
N ILE B 159 -3.67 16.54 -14.72
CA ILE B 159 -3.85 17.98 -14.84
C ILE B 159 -2.53 18.68 -14.55
N THR B 160 -2.28 19.77 -15.26
CA THR B 160 -1.06 20.51 -15.08
C THR B 160 -1.33 21.97 -14.93
N ASP B 161 -0.28 22.75 -14.74
CA ASP B 161 -0.40 24.20 -14.61
C ASP B 161 -1.19 24.66 -13.43
N PHE B 162 -1.30 23.81 -12.44
CA PHE B 162 -1.98 24.22 -11.22
C PHE B 162 -1.18 25.32 -10.51
N GLY B 163 -1.88 26.37 -10.11
CA GLY B 163 -1.25 27.41 -9.35
C GLY B 163 -0.49 28.41 -10.17
N LEU B 164 -0.38 28.18 -11.49
CA LEU B 164 0.30 29.14 -12.35
C LEU B 164 -0.52 30.41 -12.53
N ALA B 165 -1.85 30.26 -12.68
CA ALA B 165 -2.73 31.43 -12.85
C ALA B 165 -2.53 32.45 -11.74
N LYS B 166 -2.64 32.00 -10.49
CA LYS B 166 -2.35 32.87 -9.36
C LYS B 166 -0.94 33.45 -9.42
N LEU B 167 0.03 32.63 -9.80
CA LEU B 167 1.43 33.03 -9.83
C LEU B 167 1.74 34.09 -10.89
N LEU B 168 0.83 34.35 -11.82
CA LEU B 168 1.17 35.18 -12.98
C LEU B 168 0.06 36.19 -13.30
N VAL B 182 -6.53 35.90 -21.02
CA VAL B 182 -7.63 35.33 -20.23
C VAL B 182 -8.37 34.27 -21.03
N PRO B 183 -8.46 33.05 -20.51
CA PRO B 183 -9.17 32.00 -21.27
C PRO B 183 -10.68 32.14 -21.08
N ILE B 184 -11.25 33.20 -21.68
CA ILE B 184 -12.64 33.57 -21.43
C ILE B 184 -13.58 32.43 -21.83
N LYS B 185 -13.30 31.76 -22.94
CA LYS B 185 -14.21 30.70 -23.38
C LYS B 185 -14.19 29.47 -22.47
N TRP B 186 -13.44 29.52 -21.36
CA TRP B 186 -13.38 28.44 -20.39
C TRP B 186 -13.87 28.87 -19.02
N MET B 187 -14.09 30.16 -18.79
CA MET B 187 -14.38 30.61 -17.44
C MET B 187 -15.88 30.67 -17.15
N ALA B 188 -16.20 30.50 -15.87
CA ALA B 188 -17.58 30.67 -15.43
C ALA B 188 -18.02 32.10 -15.64
N LEU B 189 -19.33 32.28 -15.64
CA LEU B 189 -19.92 33.59 -15.84
C LEU B 189 -19.40 34.57 -14.78
N GLU B 190 -19.44 34.16 -13.52
CA GLU B 190 -19.00 35.04 -12.44
C GLU B 190 -17.53 35.42 -12.58
N SER B 191 -16.68 34.50 -13.08
CA SER B 191 -15.27 34.85 -13.29
C SER B 191 -15.13 35.92 -14.36
N ILE B 192 -15.92 35.82 -15.43
CA ILE B 192 -15.87 36.83 -16.48
C ILE B 192 -16.33 38.18 -15.94
N LEU B 193 -17.38 38.18 -15.13
CA LEU B 193 -17.94 39.43 -14.64
C LEU B 193 -17.13 39.99 -13.48
N HIS B 194 -17.06 39.27 -12.36
CA HIS B 194 -16.50 39.81 -11.13
C HIS B 194 -15.15 39.20 -10.73
N ARG B 195 -14.48 38.49 -11.64
CA ARG B 195 -13.17 37.88 -11.35
C ARG B 195 -13.22 37.04 -10.06
N ILE B 196 -14.34 36.34 -9.86
CA ILE B 196 -14.44 35.33 -8.82
C ILE B 196 -13.86 34.02 -9.35
N TYR B 197 -13.11 33.31 -8.50
CA TYR B 197 -12.62 31.96 -8.85
C TYR B 197 -12.84 31.05 -7.64
N THR B 198 -13.60 29.97 -7.85
CA THR B 198 -13.93 29.03 -6.79
C THR B 198 -13.85 27.62 -7.33
N HIS B 199 -14.05 26.64 -6.46
CA HIS B 199 -14.13 25.27 -6.94
C HIS B 199 -15.28 25.12 -7.94
N GLN B 200 -16.35 25.90 -7.79
CA GLN B 200 -17.49 25.77 -8.69
C GLN B 200 -17.24 26.46 -10.03
N SER B 201 -16.48 27.55 -10.07
CA SER B 201 -15.99 28.02 -11.36
C SER B 201 -15.09 26.98 -12.02
N ASP B 202 -14.29 26.23 -11.24
CA ASP B 202 -13.47 25.18 -11.84
C ASP B 202 -14.36 24.09 -12.45
N VAL B 203 -15.49 23.80 -11.81
CA VAL B 203 -16.47 22.87 -12.37
C VAL B 203 -16.96 23.34 -13.73
N TRP B 204 -17.18 24.65 -13.88
CA TRP B 204 -17.58 25.16 -15.19
C TRP B 204 -16.51 24.84 -16.24
N SER B 205 -15.24 25.16 -15.93
CA SER B 205 -14.15 24.86 -16.86
C SER B 205 -14.04 23.37 -17.14
N TYR B 206 -14.23 22.55 -16.10
CA TYR B 206 -14.31 21.10 -16.32
C TYR B 206 -15.33 20.77 -17.39
N GLY B 207 -16.51 21.38 -17.31
CA GLY B 207 -17.54 21.14 -18.29
C GLY B 207 -17.08 21.49 -19.70
N VAL B 208 -16.43 22.63 -19.85
CA VAL B 208 -15.91 22.98 -21.18
C VAL B 208 -14.87 21.97 -21.62
N THR B 209 -14.04 21.49 -20.68
CA THR B 209 -12.96 20.56 -21.05
C THR B 209 -13.55 19.25 -21.54
N VAL B 210 -14.55 18.70 -20.82
CA VAL B 210 -15.23 17.51 -21.30
C VAL B 210 -15.80 17.77 -22.70
N TRP B 211 -16.33 18.97 -22.93
CA TRP B 211 -16.87 19.26 -24.25
C TRP B 211 -15.80 19.15 -25.33
N GLU B 212 -14.63 19.79 -25.11
CA GLU B 212 -13.50 19.63 -26.04
C GLU B 212 -13.19 18.18 -26.31
N LEU B 213 -13.12 17.38 -25.24
CA LEU B 213 -12.79 15.97 -25.42
C LEU B 213 -13.81 15.30 -26.33
N MET B 214 -15.11 15.50 -26.05
CA MET B 214 -16.16 14.82 -26.79
C MET B 214 -16.30 15.31 -28.23
N THR B 215 -15.86 16.54 -28.54
CA THR B 215 -15.80 17.01 -29.92
C THR B 215 -14.42 16.84 -30.53
N PHE B 216 -13.61 15.91 -29.99
CA PHE B 216 -12.27 15.57 -30.49
C PHE B 216 -11.38 16.79 -30.73
N GLY B 217 -11.55 17.83 -29.92
CA GLY B 217 -10.64 18.95 -29.94
C GLY B 217 -11.13 20.21 -30.64
N SER B 218 -12.43 20.31 -30.95
CA SER B 218 -13.00 21.54 -31.49
C SER B 218 -12.80 22.69 -30.51
N LYS B 219 -12.74 23.89 -31.06
CA LYS B 219 -12.61 25.09 -30.26
C LYS B 219 -13.97 25.49 -29.72
N PRO B 220 -14.10 25.76 -28.43
CA PRO B 220 -15.39 26.21 -27.92
C PRO B 220 -15.71 27.58 -28.48
N TYR B 221 -17.00 27.80 -28.78
CA TYR B 221 -17.50 29.04 -29.38
C TYR B 221 -16.64 29.49 -30.56
N ASP B 222 -16.52 28.63 -31.56
CA ASP B 222 -15.52 28.87 -32.61
C ASP B 222 -16.00 29.99 -33.53
N GLY B 223 -15.17 31.02 -33.67
CA GLY B 223 -15.52 32.18 -34.46
C GLY B 223 -16.35 33.24 -33.77
N ILE B 224 -16.64 33.07 -32.48
CA ILE B 224 -17.41 34.04 -31.71
C ILE B 224 -16.44 34.92 -30.94
N PRO B 225 -16.53 36.25 -31.06
CA PRO B 225 -15.65 37.15 -30.31
C PRO B 225 -15.63 36.82 -28.83
N ALA B 226 -14.42 36.79 -28.25
CA ALA B 226 -14.28 36.61 -26.81
C ALA B 226 -15.01 37.72 -26.06
N SER B 227 -14.94 38.95 -26.59
CA SER B 227 -15.68 40.06 -26.02
C SER B 227 -17.17 39.81 -25.95
N GLU B 228 -17.68 38.85 -26.72
CA GLU B 228 -19.10 38.60 -26.82
C GLU B 228 -19.58 37.43 -25.95
N ILE B 229 -18.66 36.65 -25.38
CA ILE B 229 -19.04 35.43 -24.68
C ILE B 229 -19.92 35.75 -23.49
N SER B 230 -19.59 36.80 -22.75
CA SER B 230 -20.32 37.06 -21.51
C SER B 230 -21.78 37.40 -21.76
N SER B 231 -22.14 37.85 -22.96
CA SER B 231 -23.53 38.17 -23.25
C SER B 231 -24.31 36.92 -23.67
N ILE B 232 -23.70 36.01 -24.43
CA ILE B 232 -24.47 34.87 -24.91
C ILE B 232 -24.74 33.88 -23.79
N LEU B 233 -23.94 33.90 -22.74
CA LEU B 233 -24.23 33.05 -21.62
C LEU B 233 -25.38 33.65 -20.88
N GLU B 234 -25.53 34.95 -21.01
CA GLU B 234 -26.60 35.63 -20.30
C GLU B 234 -27.95 35.23 -20.87
N LYS B 235 -28.02 35.06 -22.18
CA LYS B 235 -29.26 34.64 -22.81
C LYS B 235 -29.59 33.21 -22.48
N GLY B 236 -28.64 32.46 -21.93
CA GLY B 236 -28.82 31.05 -21.67
C GLY B 236 -28.27 30.15 -22.76
N GLU B 237 -27.64 30.72 -23.77
CA GLU B 237 -26.98 29.92 -24.79
C GLU B 237 -25.75 29.21 -24.20
N ARG B 238 -25.52 27.98 -24.65
CA ARG B 238 -24.41 27.14 -24.18
C ARG B 238 -23.85 26.40 -25.38
N LEU B 239 -22.64 25.83 -25.20
CA LEU B 239 -21.99 25.03 -26.23
C LEU B 239 -22.93 23.91 -26.67
N PRO B 240 -22.90 23.53 -27.94
CA PRO B 240 -23.92 22.62 -28.48
C PRO B 240 -23.64 21.17 -28.09
N GLN B 241 -24.68 20.34 -28.14
CA GLN B 241 -24.53 18.92 -27.78
C GLN B 241 -23.61 18.23 -28.77
N PRO B 242 -22.48 17.68 -28.32
CA PRO B 242 -21.50 17.10 -29.24
C PRO B 242 -22.09 15.93 -29.98
N PRO B 243 -21.76 15.76 -31.27
CA PRO B 243 -22.29 14.63 -32.04
C PRO B 243 -22.36 13.29 -31.31
N ILE B 244 -21.24 12.83 -30.71
CA ILE B 244 -21.19 11.48 -30.18
C ILE B 244 -21.83 11.34 -28.79
N CYS B 245 -22.37 12.41 -28.21
CA CYS B 245 -22.83 12.39 -26.83
C CYS B 245 -24.33 12.08 -26.70
N THR B 246 -24.66 11.07 -25.87
CA THR B 246 -26.03 10.92 -25.43
C THR B 246 -26.38 12.04 -24.46
N ILE B 247 -27.67 12.14 -24.13
CA ILE B 247 -28.13 13.29 -23.34
C ILE B 247 -27.62 13.21 -21.91
N ASP B 248 -27.41 11.99 -21.38
CA ASP B 248 -26.83 11.84 -20.05
C ASP B 248 -25.51 12.62 -19.93
N VAL B 249 -24.63 12.45 -20.92
CA VAL B 249 -23.34 13.12 -20.88
C VAL B 249 -23.52 14.62 -21.06
N TYR B 250 -24.29 15.01 -22.07
CA TYR B 250 -24.50 16.43 -22.32
C TYR B 250 -25.20 17.12 -21.15
N MET B 251 -26.01 16.39 -20.38
CA MET B 251 -26.67 17.03 -19.26
C MET B 251 -25.69 17.37 -18.15
N ILE B 252 -24.73 16.48 -17.88
CA ILE B 252 -23.64 16.80 -16.95
C ILE B 252 -22.93 18.08 -17.38
N MET B 253 -22.59 18.18 -18.66
CA MET B 253 -22.02 19.41 -19.22
C MET B 253 -22.89 20.64 -18.90
N ARG B 254 -24.21 20.52 -19.10
CA ARG B 254 -25.12 21.64 -18.89
C ARG B 254 -25.15 22.07 -17.43
N LYS B 255 -25.27 21.11 -16.51
CA LYS B 255 -25.28 21.45 -15.09
C LYS B 255 -23.97 22.12 -14.67
N CYS B 256 -22.87 21.85 -15.37
CA CYS B 256 -21.62 22.53 -15.07
C CYS B 256 -21.68 24.00 -15.40
N TRP B 257 -22.55 24.40 -16.35
CA TRP B 257 -22.59 25.76 -16.86
C TRP B 257 -23.82 26.54 -16.39
N MET B 258 -24.46 26.07 -15.32
CA MET B 258 -25.56 26.80 -14.71
C MET B 258 -25.06 28.11 -14.10
N ILE B 259 -25.91 29.13 -14.14
CA ILE B 259 -25.56 30.45 -13.61
C ILE B 259 -25.24 30.35 -12.12
N ASP B 260 -26.11 29.68 -11.39
CA ASP B 260 -26.01 29.54 -9.94
C ASP B 260 -24.92 28.52 -9.60
N ALA B 261 -23.71 29.03 -9.33
CA ALA B 261 -22.56 28.18 -9.08
C ALA B 261 -22.85 27.10 -8.04
N ASP B 262 -23.83 27.34 -7.17
CA ASP B 262 -24.20 26.39 -6.13
C ASP B 262 -25.05 25.24 -6.65
N SER B 263 -25.64 25.36 -7.83
CA SER B 263 -26.35 24.23 -8.42
C SER B 263 -25.49 23.45 -9.42
N ARG B 264 -24.23 23.82 -9.56
CA ARG B 264 -23.35 23.00 -10.38
C ARG B 264 -22.98 21.72 -9.62
N PRO B 265 -22.72 20.63 -10.34
CA PRO B 265 -22.31 19.40 -9.66
C PRO B 265 -20.99 19.57 -8.91
N LYS B 266 -20.76 18.68 -7.95
CA LYS B 266 -19.46 18.57 -7.30
C LYS B 266 -18.59 17.56 -8.05
N PHE B 267 -17.27 17.82 -8.06
CA PHE B 267 -16.32 16.89 -8.69
C PHE B 267 -16.49 15.49 -8.11
N ARG B 268 -16.72 15.41 -6.80
CA ARG B 268 -16.87 14.11 -6.15
C ARG B 268 -18.02 13.33 -6.78
N GLU B 269 -19.05 14.04 -7.23
CA GLU B 269 -20.18 13.42 -7.91
C GLU B 269 -19.86 13.12 -9.38
N LEU B 270 -19.04 13.96 -10.02
CA LEU B 270 -18.68 13.71 -11.42
C LEU B 270 -17.90 12.41 -11.56
N ILE B 271 -17.06 12.10 -10.55
CA ILE B 271 -16.28 10.88 -10.56
C ILE B 271 -17.19 9.67 -10.63
N ILE B 272 -18.21 9.64 -9.75
CA ILE B 272 -19.13 8.52 -9.70
C ILE B 272 -19.89 8.41 -11.02
N GLU B 273 -20.39 9.53 -11.52
CA GLU B 273 -21.23 9.51 -12.71
C GLU B 273 -20.45 9.05 -13.94
N PHE B 274 -19.25 9.61 -14.15
CA PHE B 274 -18.47 9.15 -15.29
C PHE B 274 -17.95 7.73 -15.08
N SER B 275 -17.62 7.34 -13.84
CA SER B 275 -17.23 5.95 -13.62
C SER B 275 -18.32 5.00 -14.08
N LYS B 276 -19.57 5.28 -13.69
CA LYS B 276 -20.68 4.40 -14.07
C LYS B 276 -20.83 4.34 -15.59
N MET B 277 -20.61 5.45 -16.28
CA MET B 277 -20.70 5.41 -17.75
C MET B 277 -19.53 4.66 -18.38
N ALA B 278 -18.34 4.71 -17.77
CA ALA B 278 -17.23 3.89 -18.27
C ALA B 278 -17.49 2.40 -18.09
N ARG B 279 -18.41 2.01 -17.21
CA ARG B 279 -18.76 0.60 -17.08
C ARG B 279 -19.58 0.12 -18.26
N ASP B 280 -20.14 1.04 -19.05
CA ASP B 280 -20.94 0.69 -20.21
C ASP B 280 -20.77 1.75 -21.30
N PRO B 281 -19.55 1.92 -21.83
CA PRO B 281 -19.25 3.15 -22.57
C PRO B 281 -20.05 3.35 -23.85
N GLN B 282 -20.38 2.29 -24.59
CA GLN B 282 -21.11 2.46 -25.84
C GLN B 282 -22.58 2.80 -25.61
N ARG B 283 -23.07 2.64 -24.39
CA ARG B 283 -24.39 3.12 -24.08
C ARG B 283 -24.42 4.64 -23.99
N TYR B 284 -23.30 5.26 -23.61
CA TYR B 284 -23.30 6.68 -23.33
C TYR B 284 -22.61 7.52 -24.40
N LEU B 285 -21.77 6.93 -25.20
CA LEU B 285 -21.20 7.64 -26.30
C LEU B 285 -21.39 6.80 -27.56
N VAL B 286 -21.86 7.41 -28.63
CA VAL B 286 -22.09 6.68 -29.88
C VAL B 286 -21.12 7.17 -30.94
N ILE B 287 -20.21 6.30 -31.36
CA ILE B 287 -19.17 6.74 -32.28
C ILE B 287 -18.86 5.89 -33.48
N GLN B 288 -18.27 6.48 -34.52
CA GLN B 288 -17.80 5.78 -35.73
C GLN B 288 -17.75 4.29 -35.79
N GLY B 289 -17.26 3.68 -34.74
CA GLY B 289 -17.07 2.24 -34.77
C GLY B 289 -16.25 1.75 -33.58
N ASP B 290 -16.77 2.00 -32.38
CA ASP B 290 -16.04 1.74 -31.13
C ASP B 290 -15.40 0.36 -31.07
N GLU B 291 -15.95 -0.62 -31.79
CA GLU B 291 -15.49 -2.00 -31.67
C GLU B 291 -14.16 -2.23 -32.41
N ARG B 292 -14.00 -1.60 -33.55
CA ARG B 292 -12.79 -1.78 -34.33
C ARG B 292 -11.83 -0.66 -34.04
N MET B 293 -11.67 -0.33 -32.77
CA MET B 293 -10.87 0.82 -32.43
C MET B 293 -10.03 0.69 -31.17
N HIS B 294 -10.27 1.53 -30.19
CA HIS B 294 -9.42 1.53 -29.00
C HIS B 294 -9.86 0.70 -27.77
N LEU B 295 -8.93 0.15 -27.00
CA LEU B 295 -9.19 -0.63 -25.78
C LEU B 295 -7.96 -1.46 -25.40
N PRO B 296 -7.24 -1.13 -24.28
CA PRO B 296 -5.89 -1.71 -24.03
C PRO B 296 -5.89 -3.06 -23.37
N SER B 297 -5.23 -4.06 -23.98
CA SER B 297 -5.08 -5.35 -23.34
C SER B 297 -4.23 -5.22 -22.07
N PRO B 298 -4.37 -6.17 -21.13
CA PRO B 298 -3.47 -6.18 -19.97
C PRO B 298 -1.99 -6.27 -20.35
N THR B 299 -1.63 -6.97 -21.44
CA THR B 299 -0.23 -7.05 -21.86
C THR B 299 0.30 -5.69 -22.32
N ASP B 300 -0.54 -4.84 -22.92
CA ASP B 300 -0.09 -3.49 -23.23
C ASP B 300 -0.07 -2.61 -21.99
N SER B 301 -0.96 -2.88 -21.04
CA SER B 301 -1.00 -2.07 -19.83
C SER B 301 0.23 -2.31 -18.99
N ASN B 302 0.59 -3.58 -18.77
CA ASN B 302 1.85 -3.90 -18.11
C ASN B 302 3.02 -3.24 -18.81
N PHE B 303 2.98 -3.22 -20.15
CA PHE B 303 4.14 -2.76 -20.90
C PHE B 303 4.29 -1.26 -20.79
N TYR B 304 3.20 -0.53 -21.02
CA TYR B 304 3.22 0.91 -20.80
C TYR B 304 3.60 1.24 -19.37
N ARG B 305 3.05 0.50 -18.41
CA ARG B 305 3.30 0.83 -17.01
C ARG B 305 4.76 0.58 -16.64
N ALA B 306 5.31 -0.56 -17.10
CA ALA B 306 6.69 -0.87 -16.73
C ALA B 306 7.64 0.13 -17.34
N LEU B 307 7.38 0.57 -18.57
CA LEU B 307 8.31 1.49 -19.22
C LEU B 307 8.12 2.93 -18.79
N MET B 308 6.86 3.40 -18.68
CA MET B 308 6.53 4.82 -18.65
C MET B 308 5.88 5.30 -17.36
N ASP B 309 5.17 4.44 -16.67
CA ASP B 309 4.37 4.85 -15.52
C ASP B 309 4.29 3.84 -14.44
N GLU B 310 5.19 3.95 -13.49
CA GLU B 310 5.26 2.99 -12.38
C GLU B 310 4.58 3.47 -11.12
N GLU B 311 3.95 4.63 -11.16
CA GLU B 311 3.30 5.19 -9.99
C GLU B 311 2.01 4.47 -9.54
N ASP B 312 1.76 4.36 -8.23
CA ASP B 312 0.50 3.76 -7.80
C ASP B 312 -0.69 4.62 -8.21
N MET B 313 -1.78 3.96 -8.55
CA MET B 313 -2.98 4.61 -9.07
C MET B 313 -4.13 3.62 -9.01
N ASP B 314 -5.34 4.16 -8.95
CA ASP B 314 -6.53 3.32 -9.05
C ASP B 314 -6.59 2.66 -10.42
N ASP B 315 -7.25 1.50 -10.47
CA ASP B 315 -7.45 0.82 -11.74
C ASP B 315 -8.42 1.62 -12.61
N VAL B 316 -8.25 1.47 -13.93
CA VAL B 316 -9.20 2.09 -14.85
C VAL B 316 -10.51 1.32 -14.83
N VAL B 317 -11.58 2.00 -15.22
CA VAL B 317 -12.93 1.43 -15.21
C VAL B 317 -13.16 0.72 -16.54
N ASP B 318 -13.19 -0.61 -16.50
CA ASP B 318 -13.41 -1.45 -17.68
C ASP B 318 -14.91 -1.69 -17.86
N ALA B 319 -15.30 -1.97 -19.11
CA ALA B 319 -16.72 -2.01 -19.50
C ALA B 319 -17.51 -3.10 -18.77
N ALA C 8 -16.48 -23.25 6.42
CA ALA C 8 -16.79 -21.82 6.42
C ALA C 8 -15.75 -21.02 7.19
N LEU C 9 -15.01 -21.68 8.06
CA LEU C 9 -13.94 -20.98 8.76
C LEU C 9 -12.75 -20.68 7.86
N LEU C 10 -12.72 -21.21 6.64
CA LEU C 10 -11.56 -21.08 5.75
C LEU C 10 -12.03 -20.62 4.39
N ARG C 11 -11.50 -19.49 3.95
CA ARG C 11 -11.81 -18.93 2.65
C ARG C 11 -10.79 -19.44 1.63
N ILE C 12 -11.26 -20.21 0.64
CA ILE C 12 -10.43 -20.53 -0.52
C ILE C 12 -10.43 -19.34 -1.45
N LEU C 13 -9.24 -18.86 -1.81
CA LEU C 13 -9.12 -17.67 -2.63
C LEU C 13 -8.63 -18.01 -4.02
N LYS C 14 -9.03 -17.18 -4.97
CA LYS C 14 -8.49 -17.21 -6.33
C LYS C 14 -7.33 -16.24 -6.41
N GLU C 15 -6.37 -16.53 -7.30
CA GLU C 15 -5.21 -15.67 -7.43
C GLU C 15 -5.57 -14.26 -7.85
N THR C 16 -6.73 -14.08 -8.49
CA THR C 16 -7.11 -12.78 -9.01
C THR C 16 -7.49 -11.79 -7.93
N GLU C 17 -7.84 -12.24 -6.73
CA GLU C 17 -8.40 -11.34 -5.73
C GLU C 17 -7.42 -10.94 -4.64
N PHE C 18 -6.13 -11.22 -4.82
CA PHE C 18 -5.12 -10.67 -3.91
C PHE C 18 -3.81 -10.51 -4.66
N LYS C 19 -2.95 -9.67 -4.09
CA LYS C 19 -1.67 -9.38 -4.72
C LYS C 19 -0.64 -9.17 -3.63
N LYS C 20 0.53 -9.76 -3.82
CA LYS C 20 1.67 -9.55 -2.92
C LYS C 20 2.31 -8.22 -3.24
N ILE C 21 2.65 -7.47 -2.19
CA ILE C 21 3.05 -6.08 -2.33
C ILE C 21 4.48 -5.83 -1.83
N LYS C 22 4.90 -6.51 -0.77
CA LYS C 22 6.21 -6.23 -0.23
C LYS C 22 6.61 -7.41 0.63
N VAL C 23 7.86 -7.85 0.51
CA VAL C 23 8.27 -9.00 1.29
C VAL C 23 8.63 -8.55 2.71
N LEU C 24 8.20 -9.31 3.71
CA LEU C 24 8.44 -8.94 5.09
C LEU C 24 9.57 -9.74 5.72
N GLY C 25 9.76 -10.97 5.30
CA GLY C 25 10.81 -11.77 5.87
C GLY C 25 10.68 -13.17 5.34
N SER C 26 11.78 -13.91 5.46
CA SER C 26 11.88 -15.27 4.94
C SER C 26 12.29 -16.19 6.06
N GLY C 27 11.64 -17.35 6.14
CA GLY C 27 12.06 -18.39 7.07
C GLY C 27 12.34 -19.67 6.32
N ALA C 28 12.56 -20.76 7.05
CA ALA C 28 12.70 -22.04 6.39
C ALA C 28 11.39 -22.53 5.80
N PHE C 29 10.25 -22.16 6.40
CA PHE C 29 8.96 -22.64 5.89
C PHE C 29 8.45 -21.87 4.68
N GLY C 30 8.91 -20.64 4.46
CA GLY C 30 8.40 -19.81 3.39
C GLY C 30 8.73 -18.36 3.63
N THR C 31 8.30 -17.53 2.69
CA THR C 31 8.46 -16.08 2.77
C THR C 31 7.12 -15.43 3.08
N VAL C 32 7.14 -14.37 3.90
CA VAL C 32 5.93 -13.64 4.28
C VAL C 32 5.90 -12.32 3.53
N TYR C 33 4.76 -12.02 2.89
CA TYR C 33 4.59 -10.75 2.20
C TYR C 33 3.47 -9.94 2.87
N LYS C 34 3.60 -8.62 2.81
CA LYS C 34 2.43 -7.77 2.94
C LYS C 34 1.74 -7.74 1.59
N GLY C 35 0.42 -8.00 1.58
CA GLY C 35 -0.35 -8.02 0.35
C GLY C 35 -1.69 -7.31 0.54
N LEU C 36 -2.44 -7.23 -0.55
CA LEU C 36 -3.75 -6.56 -0.56
C LEU C 36 -4.81 -7.54 -1.03
N TRP C 37 -5.85 -7.70 -0.23
CA TRP C 37 -7.07 -8.36 -0.68
C TRP C 37 -7.97 -7.34 -1.37
N ILE C 38 -8.61 -7.75 -2.45
CA ILE C 38 -9.62 -6.94 -3.12
C ILE C 38 -10.92 -7.75 -3.19
N PRO C 39 -11.89 -7.46 -2.34
CA PRO C 39 -13.16 -8.21 -2.38
C PRO C 39 -13.87 -8.03 -3.72
N GLU C 40 -14.53 -9.09 -4.17
CA GLU C 40 -15.19 -9.05 -5.46
C GLU C 40 -16.24 -7.94 -5.48
N GLY C 41 -16.20 -7.13 -6.52
CA GLY C 41 -17.20 -6.09 -6.69
C GLY C 41 -16.91 -4.81 -5.94
N GLU C 42 -15.73 -4.69 -5.35
CA GLU C 42 -15.37 -3.50 -4.60
C GLU C 42 -14.09 -2.90 -5.16
N LYS C 43 -13.89 -1.62 -4.83
CA LYS C 43 -12.71 -0.86 -5.25
C LYS C 43 -11.84 -0.50 -4.04
N VAL C 44 -11.73 -1.40 -3.07
CA VAL C 44 -10.91 -1.17 -1.88
C VAL C 44 -9.83 -2.25 -1.81
N LYS C 45 -8.70 -1.89 -1.23
CA LYS C 45 -7.60 -2.83 -1.01
C LYS C 45 -7.44 -3.03 0.48
N ILE C 46 -7.65 -4.26 0.95
CA ILE C 46 -7.57 -4.59 2.37
C ILE C 46 -6.18 -5.19 2.64
N PRO C 47 -5.32 -4.52 3.42
CA PRO C 47 -4.03 -5.11 3.80
C PRO C 47 -4.19 -6.47 4.48
N VAL C 48 -3.33 -7.42 4.08
CA VAL C 48 -3.27 -8.76 4.65
C VAL C 48 -1.81 -9.23 4.60
N ALA C 49 -1.54 -10.34 5.29
CA ALA C 49 -0.25 -11.03 5.24
C ALA C 49 -0.40 -12.33 4.48
N ILE C 50 0.57 -12.63 3.63
CA ILE C 50 0.59 -13.81 2.77
C ILE C 50 1.89 -14.56 3.02
N LYS C 51 1.78 -15.82 3.43
CA LYS C 51 2.95 -16.70 3.56
C LYS C 51 2.87 -17.72 2.41
N GLU C 52 3.79 -17.59 1.46
CA GLU C 52 3.93 -18.54 0.37
C GLU C 52 4.87 -19.65 0.78
N LEU C 53 4.38 -20.89 0.73
CA LEU C 53 5.06 -22.00 1.35
C LEU C 53 6.15 -22.57 0.44
N ARG C 54 7.26 -22.94 1.05
CA ARG C 54 8.31 -23.66 0.34
C ARG C 54 7.81 -25.06 -0.03
N GLU C 55 8.58 -25.71 -0.91
CA GLU C 55 8.20 -27.01 -1.44
C GLU C 55 8.12 -28.06 -0.33
N ALA C 56 7.04 -28.85 -0.34
CA ALA C 56 6.83 -29.86 0.68
C ALA C 56 7.66 -31.10 0.38
N THR C 57 8.36 -31.59 1.40
CA THR C 57 9.12 -32.83 1.27
C THR C 57 8.18 -34.02 1.15
N SER C 58 7.15 -34.07 2.02
CA SER C 58 6.23 -35.19 2.12
C SER C 58 5.28 -35.28 0.93
N PRO C 59 5.36 -34.33 -0.03
CA PRO C 59 4.53 -34.41 -1.25
C PRO C 59 3.08 -34.75 -1.00
N LYS C 60 2.24 -33.74 -0.75
CA LYS C 60 0.90 -33.99 -0.22
C LYS C 60 -0.19 -33.55 -1.21
N ALA C 61 -1.29 -34.30 -1.18
CA ALA C 61 -2.42 -34.02 -2.07
C ALA C 61 -3.10 -32.71 -1.68
N ASN C 62 -3.65 -32.01 -2.69
CA ASN C 62 -4.35 -30.75 -2.44
C ASN C 62 -5.44 -30.91 -1.40
N LYS C 63 -5.99 -32.12 -1.28
CA LYS C 63 -7.07 -32.38 -0.33
C LYS C 63 -6.52 -32.57 1.08
N GLU C 64 -5.42 -33.30 1.23
CA GLU C 64 -4.83 -33.43 2.56
C GLU C 64 -4.44 -32.06 3.11
N ILE C 65 -3.85 -31.21 2.26
CA ILE C 65 -3.61 -29.82 2.65
C ILE C 65 -4.90 -29.22 3.21
N LEU C 66 -5.96 -29.24 2.41
CA LEU C 66 -7.23 -28.65 2.81
C LEU C 66 -7.70 -29.19 4.15
N ASP C 67 -7.56 -30.49 4.38
CA ASP C 67 -7.99 -31.06 5.65
C ASP C 67 -7.15 -30.52 6.80
N GLU C 68 -5.90 -30.17 6.52
CA GLU C 68 -5.03 -29.62 7.55
C GLU C 68 -5.19 -28.12 7.68
N ALA C 69 -5.48 -27.42 6.57
CA ALA C 69 -5.82 -26.00 6.64
C ALA C 69 -7.15 -25.78 7.34
N TYR C 70 -8.08 -26.72 7.27
CA TYR C 70 -9.34 -26.54 8.01
C TYR C 70 -9.09 -26.59 9.50
N VAL C 71 -8.14 -27.41 9.93
CA VAL C 71 -7.77 -27.48 11.34
C VAL C 71 -7.02 -26.22 11.75
N MET C 72 -6.20 -25.68 10.86
CA MET C 72 -5.53 -24.42 11.16
C MET C 72 -6.53 -23.28 11.22
N ALA C 73 -7.59 -23.36 10.39
CA ALA C 73 -8.63 -22.33 10.41
C ALA C 73 -9.53 -22.42 11.63
N SER C 74 -9.47 -23.50 12.41
CA SER C 74 -10.34 -23.70 13.55
C SER C 74 -9.77 -23.22 14.87
N VAL C 75 -8.51 -22.79 14.91
CA VAL C 75 -7.95 -22.34 16.18
C VAL C 75 -8.61 -21.01 16.55
N ASP C 76 -9.26 -20.97 17.71
CA ASP C 76 -10.05 -19.80 18.11
C ASP C 76 -9.64 -19.42 19.53
N ASN C 77 -8.64 -18.55 19.61
CA ASN C 77 -8.04 -18.24 20.88
C ASN C 77 -7.34 -16.91 20.75
N PRO C 78 -7.44 -16.03 21.75
CA PRO C 78 -6.74 -14.72 21.67
C PRO C 78 -5.21 -14.84 21.48
N HIS C 79 -4.59 -16.02 21.69
CA HIS C 79 -3.14 -16.10 21.71
C HIS C 79 -2.58 -17.08 20.67
N VAL C 80 -3.39 -17.48 19.71
CA VAL C 80 -2.95 -18.29 18.58
C VAL C 80 -3.47 -17.62 17.32
N CYS C 81 -2.61 -17.48 16.32
CA CYS C 81 -3.06 -16.97 15.03
C CYS C 81 -3.92 -18.01 14.34
N ARG C 82 -5.05 -17.57 13.81
CA ARG C 82 -5.92 -18.42 13.02
C ARG C 82 -5.57 -18.27 11.55
N LEU C 83 -5.52 -19.40 10.83
CA LEU C 83 -5.46 -19.32 9.38
C LEU C 83 -6.81 -18.81 8.86
N LEU C 84 -6.78 -17.77 8.05
CA LEU C 84 -7.98 -17.15 7.51
C LEU C 84 -8.33 -17.63 6.11
N GLY C 85 -7.34 -17.75 5.22
CA GLY C 85 -7.64 -18.25 3.89
C GLY C 85 -6.43 -18.88 3.23
N ILE C 86 -6.67 -19.44 2.05
CA ILE C 86 -5.66 -20.25 1.38
C ILE C 86 -5.85 -20.14 -0.12
N CYS C 87 -4.73 -20.14 -0.83
CA CYS C 87 -4.73 -20.23 -2.28
C CYS C 87 -3.86 -21.42 -2.67
N LEU C 88 -4.46 -22.39 -3.36
CA LEU C 88 -3.78 -23.63 -3.75
C LEU C 88 -3.48 -23.62 -5.24
N THR C 89 -2.73 -22.64 -5.70
CA THR C 89 -2.42 -22.52 -7.12
C THR C 89 -1.12 -23.23 -7.44
N SER C 90 -0.22 -22.51 -8.12
CA SER C 90 1.10 -23.03 -8.39
C SER C 90 1.92 -23.19 -7.11
N THR C 91 1.61 -22.40 -6.08
CA THR C 91 2.17 -22.55 -4.75
C THR C 91 1.01 -22.66 -3.76
N VAL C 92 1.37 -22.90 -2.51
CA VAL C 92 0.46 -22.84 -1.37
C VAL C 92 0.68 -21.48 -0.70
N GLN C 93 -0.34 -20.63 -0.71
CA GLN C 93 -0.24 -19.32 -0.08
C GLN C 93 -1.28 -19.23 1.03
N LEU C 94 -0.81 -19.00 2.25
CA LEU C 94 -1.67 -18.83 3.41
C LEU C 94 -1.91 -17.34 3.66
N ILE C 95 -3.16 -16.97 3.94
CA ILE C 95 -3.54 -15.60 4.22
C ILE C 95 -3.96 -15.51 5.70
N MET C 96 -3.42 -14.51 6.40
CA MET C 96 -3.77 -14.27 7.79
C MET C 96 -3.78 -12.77 7.98
N GLN C 97 -4.23 -12.35 9.16
CA GLN C 97 -4.29 -10.94 9.48
C GLN C 97 -2.89 -10.37 9.61
N LEU C 98 -2.71 -9.15 9.11
CA LEU C 98 -1.41 -8.50 9.13
C LEU C 98 -1.10 -7.97 10.53
N MET C 99 0.07 -8.32 11.04
CA MET C 99 0.61 -7.92 12.33
C MET C 99 1.73 -6.93 12.08
N PRO C 100 1.45 -5.63 12.05
CA PRO C 100 2.51 -4.66 11.70
C PRO C 100 3.74 -4.73 12.60
N PHE C 101 3.62 -5.24 13.83
CA PHE C 101 4.79 -5.24 14.71
C PHE C 101 5.81 -6.33 14.36
N GLY C 102 5.46 -7.33 13.58
CA GLY C 102 6.45 -8.38 13.34
C GLY C 102 6.53 -9.35 14.51
N CYS C 103 7.60 -10.13 14.52
CA CYS C 103 7.68 -11.22 15.49
C CYS C 103 8.38 -10.78 16.77
N LEU C 104 8.12 -11.56 17.82
CA LEU C 104 8.59 -11.25 19.16
C LEU C 104 10.10 -11.38 19.28
N LEU C 105 10.71 -12.28 18.50
CA LEU C 105 12.15 -12.40 18.51
C LEU C 105 12.82 -11.11 18.03
N ASP C 106 12.44 -10.66 16.84
CA ASP C 106 12.91 -9.37 16.33
C ASP C 106 12.67 -8.27 17.35
N TYR C 107 11.54 -8.34 18.03
CA TYR C 107 11.10 -7.27 18.91
C TYR C 107 11.94 -7.20 20.18
N VAL C 108 12.27 -8.35 20.77
CA VAL C 108 13.09 -8.32 21.98
C VAL C 108 14.52 -7.94 21.62
N ARG C 109 15.01 -8.36 20.45
CA ARG C 109 16.31 -7.91 19.98
C ARG C 109 16.34 -6.40 19.83
N GLU C 110 15.33 -5.85 19.15
CA GLU C 110 15.30 -4.42 18.88
C GLU C 110 15.13 -3.60 20.16
N HIS C 111 14.40 -4.12 21.16
CA HIS C 111 14.26 -3.40 22.42
C HIS C 111 15.12 -4.01 23.53
N LYS C 112 16.32 -4.48 23.18
CA LYS C 112 17.25 -5.09 24.13
C LYS C 112 17.49 -4.17 25.33
N ASP C 113 17.37 -4.73 26.53
CA ASP C 113 17.58 -4.00 27.78
C ASP C 113 16.66 -2.80 27.94
N ASN C 114 15.66 -2.67 27.07
CA ASN C 114 14.65 -1.63 27.19
C ASN C 114 13.26 -2.20 27.45
N ILE C 115 13.19 -3.43 27.96
CA ILE C 115 11.92 -4.11 28.16
C ILE C 115 11.73 -4.39 29.65
N GLY C 116 10.58 -3.98 30.18
CA GLY C 116 10.31 -4.16 31.58
C GLY C 116 9.81 -5.55 31.93
N SER C 117 10.16 -5.98 33.16
CA SER C 117 9.86 -7.34 33.59
C SER C 117 8.39 -7.69 33.48
N GLN C 118 7.51 -6.70 33.66
CA GLN C 118 6.06 -6.96 33.58
C GLN C 118 5.68 -7.45 32.19
N TYR C 119 6.32 -6.89 31.15
CA TYR C 119 6.05 -7.32 29.78
C TYR C 119 6.54 -8.74 29.56
N LEU C 120 7.80 -9.01 29.92
CA LEU C 120 8.42 -10.32 29.67
C LEU C 120 7.61 -11.43 30.29
N LEU C 121 7.22 -11.25 31.55
CA LEU C 121 6.45 -12.28 32.24
C LEU C 121 5.04 -12.39 31.65
N ASN C 122 4.43 -11.26 31.29
CA ASN C 122 3.12 -11.30 30.66
C ASN C 122 3.14 -12.04 29.32
N TRP C 123 4.24 -11.88 28.56
CA TRP C 123 4.40 -12.63 27.32
C TRP C 123 4.53 -14.12 27.59
N CYS C 124 5.18 -14.50 28.69
CA CYS C 124 5.22 -15.91 29.06
C CYS C 124 3.82 -16.44 29.37
N VAL C 125 3.03 -15.67 30.13
CA VAL C 125 1.65 -16.03 30.41
C VAL C 125 0.89 -16.29 29.11
N GLN C 126 0.88 -15.30 28.22
CA GLN C 126 0.08 -15.38 27.00
C GLN C 126 0.52 -16.53 26.11
N ILE C 127 1.83 -16.77 26.00
CA ILE C 127 2.29 -17.88 25.17
C ILE C 127 1.82 -19.20 25.77
N ALA C 128 1.99 -19.35 27.09
CA ALA C 128 1.49 -20.56 27.75
C ALA C 128 -0.02 -20.70 27.58
N LYS C 129 -0.78 -19.60 27.72
CA LYS C 129 -2.21 -19.66 27.46
C LYS C 129 -2.48 -20.13 26.03
N GLY C 130 -1.69 -19.63 25.08
CA GLY C 130 -1.84 -20.08 23.70
C GLY C 130 -1.57 -21.57 23.55
N MET C 131 -0.48 -22.06 24.15
CA MET C 131 -0.19 -23.48 24.04
C MET C 131 -1.17 -24.35 24.84
N ASN C 132 -1.62 -23.86 26.00
CA ASN C 132 -2.56 -24.67 26.79
C ASN C 132 -3.89 -24.84 26.06
N TYR C 133 -4.27 -23.86 25.23
CA TYR C 133 -5.43 -24.02 24.37
C TYR C 133 -5.19 -25.10 23.32
N LEU C 134 -4.01 -25.10 22.69
CA LEU C 134 -3.77 -26.09 21.66
C LEU C 134 -3.74 -27.49 22.27
N GLU C 135 -3.14 -27.63 23.46
CA GLU C 135 -3.20 -28.91 24.15
C GLU C 135 -4.64 -29.35 24.38
N ASP C 136 -5.48 -28.44 24.88
CA ASP C 136 -6.87 -28.79 25.15
C ASP C 136 -7.62 -29.22 23.89
N ARG C 137 -7.30 -28.66 22.74
CA ARG C 137 -7.81 -29.14 21.47
C ARG C 137 -7.10 -30.40 20.95
N ARG C 138 -6.18 -30.99 21.72
CA ARG C 138 -5.34 -32.13 21.29
C ARG C 138 -4.60 -31.83 19.99
N LEU C 139 -4.00 -30.65 19.91
CA LEU C 139 -3.17 -30.29 18.78
C LEU C 139 -1.74 -30.05 19.27
N VAL C 140 -0.78 -30.36 18.42
CA VAL C 140 0.64 -30.22 18.75
C VAL C 140 1.26 -29.28 17.73
N HIS C 141 1.90 -28.22 18.23
CA HIS C 141 2.48 -27.20 17.35
C HIS C 141 3.71 -27.71 16.61
N ARG C 142 4.74 -28.14 17.37
CA ARG C 142 5.99 -28.78 16.91
C ARG C 142 7.12 -27.79 16.64
N ASP C 143 6.79 -26.54 16.32
CA ASP C 143 7.79 -25.54 15.97
C ASP C 143 7.60 -24.26 16.79
N LEU C 144 7.41 -24.38 18.11
CA LEU C 144 7.27 -23.19 18.93
C LEU C 144 8.65 -22.60 19.23
N ALA C 145 8.76 -21.30 19.05
CA ALA C 145 10.01 -20.57 19.18
C ALA C 145 9.64 -19.08 19.18
N ALA C 146 10.54 -18.27 19.72
CA ALA C 146 10.30 -16.83 19.74
C ALA C 146 10.01 -16.27 18.36
N ARG C 147 10.64 -16.83 17.32
CA ARG C 147 10.38 -16.35 15.97
C ARG C 147 8.97 -16.67 15.50
N ASN C 148 8.30 -17.65 16.11
CA ASN C 148 6.94 -18.01 15.74
C ASN C 148 5.94 -17.49 16.75
N VAL C 149 6.27 -16.42 17.45
CA VAL C 149 5.33 -15.65 18.25
C VAL C 149 5.25 -14.26 17.64
N LEU C 150 4.03 -13.81 17.34
CA LEU C 150 3.88 -12.52 16.71
C LEU C 150 3.39 -11.50 17.73
N VAL C 151 3.70 -10.24 17.46
CA VAL C 151 3.31 -9.13 18.32
C VAL C 151 2.14 -8.47 17.63
N LYS C 152 0.94 -8.62 18.22
CA LYS C 152 -0.22 -7.87 17.74
C LYS C 152 -0.18 -6.44 18.27
N THR C 153 0.02 -6.30 19.57
CA THR C 153 0.44 -5.06 20.21
C THR C 153 1.53 -5.44 21.19
N PRO C 154 2.30 -4.47 21.69
CA PRO C 154 3.29 -4.83 22.72
C PRO C 154 2.65 -5.52 23.92
N GLN C 155 1.36 -5.29 24.16
CA GLN C 155 0.64 -5.93 25.25
C GLN C 155 0.11 -7.32 24.90
N HIS C 156 0.19 -7.75 23.65
CA HIS C 156 -0.63 -8.86 23.18
C HIS C 156 0.15 -9.61 22.10
N VAL C 157 0.57 -10.84 22.40
CA VAL C 157 1.31 -11.65 21.43
C VAL C 157 0.50 -12.88 21.08
N LYS C 158 0.83 -13.46 19.92
CA LYS C 158 0.09 -14.61 19.43
C LYS C 158 1.04 -15.61 18.78
N ILE C 159 0.81 -16.89 19.07
CA ILE C 159 1.57 -17.95 18.46
C ILE C 159 1.13 -18.12 17.02
N THR C 160 2.10 -18.29 16.13
CA THR C 160 1.80 -18.42 14.72
C THR C 160 2.44 -19.68 14.15
N ASP C 161 2.15 -19.94 12.88
CA ASP C 161 2.68 -21.04 12.09
C ASP C 161 2.28 -22.40 12.62
N PHE C 162 1.31 -22.47 13.53
CA PHE C 162 0.80 -23.76 13.97
C PHE C 162 0.50 -24.66 12.77
N GLY C 163 0.81 -25.95 12.89
CA GLY C 163 0.50 -26.91 11.85
C GLY C 163 1.48 -26.97 10.70
N LEU C 164 2.23 -25.90 10.43
CA LEU C 164 3.08 -25.86 9.24
C LEU C 164 4.21 -26.90 9.28
N ALA C 165 4.66 -27.30 10.46
CA ALA C 165 5.72 -28.31 10.51
C ALA C 165 5.20 -29.67 10.05
N LYS C 166 4.03 -30.07 10.57
CA LYS C 166 3.35 -31.25 10.05
C LYS C 166 3.10 -31.13 8.55
N LEU C 167 2.65 -29.95 8.12
CA LEU C 167 2.26 -29.74 6.73
C LEU C 167 3.40 -30.02 5.77
N LEU C 168 4.55 -29.38 6.00
CA LEU C 168 5.65 -29.37 5.05
C LEU C 168 6.63 -30.54 5.20
N GLY C 169 6.71 -31.15 6.37
CA GLY C 169 7.66 -32.22 6.60
C GLY C 169 9.08 -31.71 6.74
N ALA C 170 10.04 -32.40 6.09
CA ALA C 170 11.47 -32.10 6.12
C ALA C 170 12.27 -33.21 5.47
N GLU C 171 13.24 -32.86 4.63
CA GLU C 171 14.14 -33.86 4.10
C GLU C 171 15.03 -34.42 5.22
N GLU C 172 15.69 -35.55 4.95
CA GLU C 172 16.50 -36.18 5.98
C GLU C 172 17.73 -35.33 6.33
N LYS C 173 18.36 -34.71 5.32
CA LYS C 173 19.57 -33.92 5.57
C LYS C 173 19.30 -32.71 6.44
N GLU C 174 18.07 -32.16 6.39
CA GLU C 174 17.76 -30.98 7.18
C GLU C 174 17.80 -31.26 8.68
N TYR C 175 17.71 -32.54 9.08
CA TYR C 175 17.77 -32.93 10.48
C TYR C 175 19.18 -32.84 11.06
N HIS C 176 20.17 -32.35 10.30
CA HIS C 176 21.55 -32.23 10.75
C HIS C 176 22.14 -30.87 10.41
N ALA C 177 21.30 -29.88 10.11
CA ALA C 177 21.81 -28.58 9.69
C ALA C 177 20.78 -27.48 9.95
N LYS C 181 12.81 -26.56 7.44
CA LYS C 181 13.90 -27.06 8.27
C LYS C 181 13.42 -27.52 9.64
N VAL C 182 14.33 -28.14 10.39
CA VAL C 182 14.04 -28.77 11.67
C VAL C 182 14.60 -27.89 12.78
N PRO C 183 13.76 -27.38 13.69
CA PRO C 183 14.27 -26.49 14.75
C PRO C 183 15.04 -27.23 15.84
N ILE C 184 16.11 -27.93 15.45
CA ILE C 184 16.85 -28.85 16.31
C ILE C 184 17.05 -28.28 17.70
N LYS C 185 17.54 -27.04 17.78
CA LYS C 185 17.89 -26.45 19.06
C LYS C 185 16.70 -26.05 19.91
N TRP C 186 15.46 -26.26 19.42
CA TRP C 186 14.25 -26.00 20.21
C TRP C 186 13.50 -27.29 20.57
N MET C 187 13.93 -28.44 20.05
CA MET C 187 13.15 -29.66 20.13
C MET C 187 13.53 -30.50 21.34
N ALA C 188 12.54 -31.22 21.87
CA ALA C 188 12.79 -32.18 22.92
C ALA C 188 13.73 -33.28 22.41
N LEU C 189 14.40 -33.96 23.35
CA LEU C 189 15.33 -35.01 22.97
C LEU C 189 14.63 -36.15 22.23
N GLU C 190 13.44 -36.53 22.72
CA GLU C 190 12.62 -37.54 22.03
C GLU C 190 12.39 -37.16 20.58
N SER C 191 11.98 -35.91 20.31
CA SER C 191 11.69 -35.50 18.95
C SER C 191 12.93 -35.55 18.08
N ILE C 192 14.08 -35.14 18.62
CA ILE C 192 15.30 -35.22 17.84
C ILE C 192 15.64 -36.68 17.54
N LEU C 193 15.49 -37.56 18.53
CA LEU C 193 15.89 -38.95 18.38
C LEU C 193 14.84 -39.76 17.63
N HIS C 194 13.62 -39.81 18.15
CA HIS C 194 12.57 -40.69 17.66
C HIS C 194 11.50 -40.00 16.83
N ARG C 195 11.52 -38.66 16.76
CA ARG C 195 10.49 -37.89 16.06
C ARG C 195 9.12 -38.08 16.70
N ILE C 196 9.12 -38.23 18.02
CA ILE C 196 7.91 -38.11 18.82
C ILE C 196 7.60 -36.63 19.04
N TYR C 197 6.34 -36.25 18.91
CA TYR C 197 5.92 -34.89 19.24
C TYR C 197 4.67 -34.97 20.11
N THR C 198 4.75 -34.42 21.31
CA THR C 198 3.63 -34.43 22.25
C THR C 198 3.43 -33.02 22.80
N HIS C 199 2.48 -32.90 23.72
CA HIS C 199 2.33 -31.62 24.41
C HIS C 199 3.51 -31.37 25.34
N GLN C 200 4.20 -32.42 25.76
CA GLN C 200 5.36 -32.25 26.60
C GLN C 200 6.62 -31.89 25.80
N SER C 201 6.74 -32.37 24.56
CA SER C 201 7.82 -31.86 23.73
C SER C 201 7.57 -30.41 23.33
N ASP C 202 6.30 -30.01 23.24
CA ASP C 202 5.98 -28.60 23.09
C ASP C 202 6.39 -27.80 24.31
N VAL C 203 6.30 -28.38 25.51
CA VAL C 203 6.74 -27.68 26.70
C VAL C 203 8.27 -27.51 26.72
N TRP C 204 9.01 -28.41 26.07
CA TRP C 204 10.45 -28.19 25.90
C TRP C 204 10.70 -26.94 25.05
N SER C 205 10.12 -26.90 23.83
CA SER C 205 10.26 -25.71 22.99
C SER C 205 9.84 -24.44 23.71
N TYR C 206 8.80 -24.52 24.57
CA TYR C 206 8.38 -23.36 25.35
C TYR C 206 9.47 -22.91 26.32
N GLY C 207 10.14 -23.86 26.97
CA GLY C 207 11.26 -23.51 27.82
C GLY C 207 12.35 -22.77 27.08
N VAL C 208 12.72 -23.25 25.90
CA VAL C 208 13.68 -22.56 25.04
C VAL C 208 13.16 -21.18 24.63
N THR C 209 11.90 -21.12 24.21
CA THR C 209 11.28 -19.86 23.83
C THR C 209 11.38 -18.84 24.96
N VAL C 210 11.11 -19.29 26.19
CA VAL C 210 11.20 -18.39 27.33
C VAL C 210 12.63 -17.89 27.50
N TRP C 211 13.60 -18.80 27.33
CA TRP C 211 15.01 -18.45 27.44
C TRP C 211 15.43 -17.45 26.37
N GLU C 212 14.88 -17.58 25.15
CA GLU C 212 15.06 -16.55 24.13
C GLU C 212 14.58 -15.18 24.63
N LEU C 213 13.41 -15.12 25.27
CA LEU C 213 12.88 -13.83 25.72
C LEU C 213 13.77 -13.22 26.79
N MET C 214 14.18 -14.04 27.77
CA MET C 214 14.90 -13.54 28.95
C MET C 214 16.33 -13.14 28.61
N THR C 215 16.89 -13.67 27.53
CA THR C 215 18.18 -13.24 26.99
C THR C 215 18.05 -12.18 25.91
N PHE C 216 16.85 -11.62 25.69
CA PHE C 216 16.62 -10.59 24.68
C PHE C 216 17.02 -11.08 23.29
N GLY C 217 16.75 -12.35 23.02
CA GLY C 217 16.85 -12.89 21.69
C GLY C 217 18.18 -13.53 21.31
N SER C 218 18.99 -13.95 22.29
CA SER C 218 20.24 -14.65 21.97
C SER C 218 19.95 -15.99 21.30
N LYS C 219 20.96 -16.52 20.65
CA LYS C 219 20.84 -17.78 19.92
C LYS C 219 21.12 -18.94 20.86
N PRO C 220 20.22 -19.92 20.96
CA PRO C 220 20.46 -21.04 21.89
C PRO C 220 21.58 -21.94 21.39
N TYR C 221 22.42 -22.38 22.32
CA TYR C 221 23.58 -23.23 22.04
C TYR C 221 24.42 -22.68 20.90
N ASP C 222 24.76 -21.39 20.97
CA ASP C 222 25.51 -20.78 19.89
C ASP C 222 26.95 -21.28 19.87
N GLY C 223 27.40 -21.79 18.73
CA GLY C 223 28.69 -22.41 18.60
C GLY C 223 28.67 -23.92 18.64
N ILE C 224 27.55 -24.52 19.04
CA ILE C 224 27.36 -25.97 19.00
C ILE C 224 26.67 -26.32 17.70
N PRO C 225 27.23 -27.18 16.86
CA PRO C 225 26.52 -27.57 15.64
C PRO C 225 25.26 -28.34 16.00
N ALA C 226 24.18 -28.03 15.26
CA ALA C 226 22.89 -28.68 15.50
C ALA C 226 23.00 -30.21 15.49
N SER C 227 23.90 -30.75 14.66
CA SER C 227 24.07 -32.20 14.58
C SER C 227 24.60 -32.81 15.89
N GLU C 228 25.16 -32.01 16.79
CA GLU C 228 25.67 -32.51 18.05
C GLU C 228 24.74 -32.23 19.22
N ILE C 229 23.59 -31.58 18.98
CA ILE C 229 22.67 -31.25 20.06
C ILE C 229 22.16 -32.51 20.74
N SER C 230 21.78 -33.52 19.95
CA SER C 230 21.58 -34.89 20.44
C SER C 230 22.46 -35.20 21.64
N SER C 231 23.78 -35.21 21.41
CA SER C 231 24.71 -35.74 22.40
C SER C 231 24.81 -34.86 23.64
N ILE C 232 24.92 -33.54 23.47
CA ILE C 232 25.11 -32.71 24.66
C ILE C 232 23.91 -32.80 25.60
N LEU C 233 22.70 -32.93 25.06
CA LEU C 233 21.52 -33.05 25.91
C LEU C 233 21.55 -34.34 26.72
N GLU C 234 21.90 -35.46 26.07
CA GLU C 234 22.04 -36.72 26.80
C GLU C 234 23.09 -36.60 27.90
N LYS C 235 24.22 -35.96 27.59
CA LYS C 235 25.24 -35.72 28.61
C LYS C 235 24.78 -34.76 29.70
N GLY C 236 23.60 -34.15 29.57
CA GLY C 236 23.07 -33.31 30.62
C GLY C 236 23.39 -31.83 30.52
N GLU C 237 23.96 -31.37 29.42
CA GLU C 237 24.13 -29.93 29.24
C GLU C 237 22.78 -29.29 28.92
N ARG C 238 22.54 -28.10 29.46
CA ARG C 238 21.33 -27.33 29.20
C ARG C 238 21.73 -25.88 28.95
N LEU C 239 20.74 -25.07 28.59
CA LEU C 239 21.00 -23.65 28.39
C LEU C 239 21.29 -22.97 29.73
N PRO C 240 22.24 -22.05 29.77
CA PRO C 240 22.61 -21.41 31.05
C PRO C 240 21.56 -20.41 31.51
N GLN C 241 21.67 -20.04 32.78
CA GLN C 241 20.71 -19.10 33.38
C GLN C 241 20.89 -17.72 32.78
N PRO C 242 19.85 -17.11 32.19
CA PRO C 242 19.99 -15.76 31.65
C PRO C 242 20.24 -14.77 32.77
N PRO C 243 21.05 -13.74 32.52
CA PRO C 243 21.44 -12.85 33.63
C PRO C 243 20.29 -12.18 34.37
N ILE C 244 19.12 -11.95 33.74
CA ILE C 244 18.06 -11.23 34.44
C ILE C 244 17.14 -12.16 35.23
N CYS C 245 17.35 -13.47 35.16
CA CYS C 245 16.44 -14.42 35.79
C CYS C 245 16.86 -14.72 37.22
N THR C 246 15.92 -14.56 38.14
CA THR C 246 16.10 -15.20 39.42
C THR C 246 16.00 -16.72 39.25
N ILE C 247 16.40 -17.46 40.28
CA ILE C 247 16.45 -18.91 40.16
C ILE C 247 15.02 -19.49 40.09
N ASP C 248 14.04 -18.78 40.64
CA ASP C 248 12.64 -19.14 40.44
C ASP C 248 12.32 -19.32 38.95
N VAL C 249 12.66 -18.32 38.15
CA VAL C 249 12.36 -18.43 36.71
C VAL C 249 13.22 -19.50 36.08
N TYR C 250 14.53 -19.48 36.36
CA TYR C 250 15.42 -20.45 35.74
C TYR C 250 15.03 -21.87 36.10
N MET C 251 14.53 -22.09 37.29
CA MET C 251 14.17 -23.43 37.68
C MET C 251 13.06 -23.96 36.81
N ILE C 252 12.08 -23.13 36.53
CA ILE C 252 11.00 -23.53 35.67
C ILE C 252 11.49 -23.89 34.28
N MET C 253 12.37 -23.07 33.73
CA MET C 253 12.92 -23.41 32.42
C MET C 253 13.67 -24.73 32.46
N ARG C 254 14.37 -24.98 33.56
CA ARG C 254 15.12 -26.23 33.64
C ARG C 254 14.18 -27.43 33.72
N LYS C 255 13.04 -27.29 34.42
CA LYS C 255 12.09 -28.41 34.48
C LYS C 255 11.52 -28.72 33.09
N CYS C 256 11.38 -27.69 32.22
CA CYS C 256 10.88 -27.92 30.87
C CYS C 256 11.79 -28.80 30.06
N TRP C 257 13.08 -28.87 30.41
CA TRP C 257 14.06 -29.59 29.62
C TRP C 257 14.47 -30.92 30.25
N MET C 258 13.67 -31.45 31.16
CA MET C 258 13.94 -32.77 31.71
C MET C 258 13.74 -33.84 30.65
N ILE C 259 14.66 -34.81 30.63
CA ILE C 259 14.63 -35.90 29.65
C ILE C 259 13.33 -36.69 29.78
N ASP C 260 12.83 -36.84 30.99
CA ASP C 260 11.58 -37.55 31.25
C ASP C 260 10.40 -36.64 30.92
N ALA C 261 9.79 -36.85 29.73
CA ALA C 261 8.74 -35.95 29.26
C ALA C 261 7.65 -35.76 30.29
N ASP C 262 7.37 -36.78 31.10
CA ASP C 262 6.28 -36.69 32.08
C ASP C 262 6.63 -35.84 33.28
N SER C 263 7.90 -35.52 33.50
CA SER C 263 8.25 -34.70 34.64
C SER C 263 8.24 -33.20 34.33
N ARG C 264 8.16 -32.81 33.06
CA ARG C 264 8.13 -31.40 32.72
C ARG C 264 6.81 -30.79 33.17
N PRO C 265 6.75 -29.45 33.32
CA PRO C 265 5.49 -28.84 33.76
C PRO C 265 4.43 -28.98 32.68
N LYS C 266 3.18 -28.74 33.07
CA LYS C 266 2.08 -28.62 32.12
C LYS C 266 1.83 -27.15 31.83
N PHE C 267 1.38 -26.86 30.60
CA PHE C 267 1.09 -25.47 30.23
C PHE C 267 0.14 -24.83 31.24
N ARG C 268 -0.81 -25.59 31.79
CA ARG C 268 -1.74 -24.99 32.75
C ARG C 268 -1.01 -24.59 34.01
N GLU C 269 -0.03 -25.39 34.43
CA GLU C 269 0.82 -25.01 35.56
C GLU C 269 1.69 -23.79 35.22
N LEU C 270 2.21 -23.74 34.00
CA LEU C 270 3.01 -22.59 33.62
C LEU C 270 2.21 -21.30 33.68
N ILE C 271 0.94 -21.35 33.26
CA ILE C 271 0.08 -20.17 33.26
C ILE C 271 -0.03 -19.60 34.67
N ILE C 272 -0.26 -20.46 35.67
CA ILE C 272 -0.40 -19.99 37.05
C ILE C 272 0.91 -19.43 37.56
N GLU C 273 2.00 -20.17 37.37
CA GLU C 273 3.29 -19.78 37.92
C GLU C 273 3.71 -18.41 37.39
N PHE C 274 3.64 -18.22 36.06
CA PHE C 274 4.03 -16.94 35.49
C PHE C 274 3.04 -15.83 35.82
N SER C 275 1.75 -16.15 35.87
CA SER C 275 0.78 -15.14 36.33
C SER C 275 1.13 -14.65 37.72
N LYS C 276 1.56 -15.56 38.61
CA LYS C 276 1.95 -15.16 39.95
C LYS C 276 3.19 -14.27 39.89
N MET C 277 4.18 -14.66 39.10
CA MET C 277 5.37 -13.82 38.97
C MET C 277 5.01 -12.48 38.35
N ALA C 278 4.05 -12.48 37.41
CA ALA C 278 3.62 -11.25 36.77
C ALA C 278 3.04 -10.26 37.78
N ARG C 279 2.48 -10.75 38.88
CA ARG C 279 1.89 -9.85 39.86
C ARG C 279 2.95 -9.17 40.71
N ASP C 280 4.17 -9.71 40.75
CA ASP C 280 5.27 -9.13 41.51
C ASP C 280 6.53 -9.25 40.67
N PRO C 281 6.58 -8.57 39.53
CA PRO C 281 7.59 -8.91 38.52
C PRO C 281 9.01 -8.55 38.90
N GLN C 282 9.22 -7.64 39.85
CA GLN C 282 10.58 -7.29 40.23
C GLN C 282 11.17 -8.29 41.23
N ARG C 283 10.34 -9.17 41.77
CA ARG C 283 10.85 -10.23 42.62
C ARG C 283 11.44 -11.38 41.82
N TYR C 284 11.10 -11.49 40.52
CA TYR C 284 11.47 -12.67 39.74
C TYR C 284 12.37 -12.37 38.56
N LEU C 285 12.42 -11.14 38.06
CA LEU C 285 13.39 -10.74 37.06
C LEU C 285 14.12 -9.52 37.59
N VAL C 286 15.45 -9.52 37.49
CA VAL C 286 16.26 -8.40 37.96
C VAL C 286 16.81 -7.66 36.75
N ILE C 287 16.26 -6.49 36.46
CA ILE C 287 16.57 -5.73 35.25
C ILE C 287 16.99 -4.32 35.63
N GLN C 288 18.13 -3.86 35.09
CA GLN C 288 18.67 -2.56 35.46
C GLN C 288 17.81 -1.44 34.91
N GLY C 289 17.27 -0.62 35.80
CA GLY C 289 16.31 0.39 35.38
C GLY C 289 14.91 -0.13 35.12
N ASP C 290 14.52 -1.22 35.79
CA ASP C 290 13.17 -1.74 35.59
C ASP C 290 12.11 -0.74 36.02
N GLU C 291 12.38 0.02 37.09
CA GLU C 291 11.45 1.01 37.62
C GLU C 291 11.24 2.17 36.66
N ARG C 292 12.05 2.30 35.62
CA ARG C 292 11.87 3.31 34.59
C ARG C 292 11.41 2.71 33.27
N MET C 293 10.97 1.45 33.29
CA MET C 293 10.41 0.79 32.11
C MET C 293 8.94 1.12 31.96
N HIS C 294 8.53 1.37 30.72
CA HIS C 294 7.14 1.69 30.41
C HIS C 294 6.20 0.54 30.75
N LEU C 295 5.49 0.67 31.86
CA LEU C 295 4.25 -0.09 31.92
C LEU C 295 3.14 0.70 31.23
N PRO C 296 2.22 0.03 30.53
CA PRO C 296 1.28 0.76 29.67
C PRO C 296 0.10 1.33 30.47
N SER C 297 -0.10 2.63 30.39
CA SER C 297 -1.23 3.21 31.12
C SER C 297 -2.54 2.79 30.46
N PRO C 298 -3.63 2.76 31.24
CA PRO C 298 -4.91 2.35 30.64
C PRO C 298 -5.29 3.17 29.42
N THR C 299 -4.89 4.42 29.38
CA THR C 299 -5.16 5.23 28.20
C THR C 299 -4.48 4.64 26.99
N ASP C 300 -3.23 4.26 27.16
CA ASP C 300 -2.47 3.75 26.05
C ASP C 300 -2.93 2.39 25.59
N SER C 301 -3.31 1.56 26.53
CA SER C 301 -3.76 0.23 26.19
C SER C 301 -5.09 0.34 25.47
N ASN C 302 -5.97 1.18 25.98
CA ASN C 302 -7.26 1.38 25.32
C ASN C 302 -7.09 1.82 23.88
N PHE C 303 -6.10 2.67 23.62
CA PHE C 303 -5.94 3.24 22.28
C PHE C 303 -5.42 2.18 21.31
N TYR C 304 -4.43 1.40 21.73
CA TYR C 304 -3.99 0.24 20.94
C TYR C 304 -5.17 -0.67 20.62
N ARG C 305 -5.99 -0.99 21.63
CA ARG C 305 -7.04 -1.98 21.43
C ARG C 305 -8.10 -1.47 20.47
N ALA C 306 -8.55 -0.23 20.65
CA ALA C 306 -9.59 0.32 19.77
C ALA C 306 -9.08 0.49 18.36
N LEU C 307 -7.78 0.74 18.19
CA LEU C 307 -7.20 0.97 16.86
C LEU C 307 -6.88 -0.34 16.12
N MET C 308 -6.18 -1.26 16.78
CA MET C 308 -5.55 -2.42 16.13
C MET C 308 -5.92 -3.78 16.70
N ASP C 309 -6.56 -3.84 17.85
CA ASP C 309 -6.70 -5.11 18.55
C ASP C 309 -8.05 -5.14 19.25
N GLU C 310 -9.12 -5.30 18.48
CA GLU C 310 -10.48 -5.34 19.03
C GLU C 310 -10.89 -6.76 19.43
N GLU C 311 -9.96 -7.69 19.42
CA GLU C 311 -10.16 -9.09 19.76
C GLU C 311 -10.59 -9.24 21.22
N ASP C 312 -11.10 -10.43 21.56
CA ASP C 312 -11.92 -10.61 22.76
C ASP C 312 -11.15 -10.35 24.06
N MET C 313 -9.98 -10.97 24.22
CA MET C 313 -9.16 -10.73 25.41
C MET C 313 -7.69 -10.69 25.04
N ALA D 8 0.74 -12.56 -20.92
CA ALA D 8 0.22 -11.66 -19.90
C ALA D 8 1.28 -10.64 -19.45
N LEU D 9 2.40 -11.15 -18.91
CA LEU D 9 3.46 -10.27 -18.45
C LEU D 9 4.52 -9.99 -19.50
N LEU D 10 4.50 -10.69 -20.63
CA LEU D 10 5.53 -10.57 -21.66
C LEU D 10 4.87 -10.12 -22.95
N ARG D 11 5.26 -8.94 -23.45
CA ARG D 11 4.75 -8.48 -24.73
C ARG D 11 5.60 -9.06 -25.86
N ILE D 12 4.95 -9.80 -26.76
CA ILE D 12 5.59 -10.18 -28.00
C ILE D 12 5.65 -8.95 -28.90
N LEU D 13 6.85 -8.60 -29.36
CA LEU D 13 7.08 -7.41 -30.15
C LEU D 13 7.35 -7.79 -31.60
N LYS D 14 6.88 -6.94 -32.51
CA LYS D 14 7.20 -7.08 -33.92
C LYS D 14 8.39 -6.19 -34.24
N GLU D 15 9.21 -6.63 -35.19
CA GLU D 15 10.36 -5.85 -35.62
C GLU D 15 9.99 -4.43 -36.03
N THR D 16 8.73 -4.20 -36.45
CA THR D 16 8.34 -2.97 -37.12
C THR D 16 8.03 -1.80 -36.18
N GLU D 17 8.30 -1.93 -34.88
CA GLU D 17 7.95 -0.84 -33.95
C GLU D 17 9.01 -0.52 -32.92
N PHE D 18 10.18 -1.16 -32.97
CA PHE D 18 11.30 -0.77 -32.13
C PHE D 18 12.55 -0.71 -32.99
N LYS D 19 13.30 0.39 -32.86
CA LYS D 19 14.50 0.62 -33.63
C LYS D 19 15.71 0.63 -32.70
N LYS D 20 16.79 -0.01 -33.13
CA LYS D 20 18.04 0.13 -32.39
C LYS D 20 18.63 1.48 -32.70
N ILE D 21 19.12 2.15 -31.66
CA ILE D 21 19.46 3.57 -31.74
C ILE D 21 20.93 3.80 -31.40
N LYS D 22 21.47 2.95 -30.52
CA LYS D 22 22.78 3.22 -29.95
C LYS D 22 23.31 2.01 -29.19
N VAL D 23 24.49 1.51 -29.57
CA VAL D 23 25.15 0.43 -28.83
C VAL D 23 25.59 0.95 -27.47
N LEU D 24 25.26 0.18 -26.42
CA LEU D 24 25.59 0.56 -25.04
C LEU D 24 26.63 -0.34 -24.40
N GLY D 25 26.83 -1.53 -24.92
CA GLY D 25 27.69 -2.51 -24.30
C GLY D 25 27.45 -3.86 -24.92
N SER D 26 28.35 -4.78 -24.58
CA SER D 26 28.23 -6.18 -24.95
C SER D 26 28.78 -6.99 -23.80
N GLY D 27 28.49 -8.29 -23.82
CA GLY D 27 28.96 -9.16 -22.78
C GLY D 27 28.94 -10.58 -23.26
N ALA D 28 29.09 -11.51 -22.30
CA ALA D 28 29.07 -12.93 -22.64
C ALA D 28 27.82 -13.29 -23.43
N PHE D 29 26.70 -12.66 -23.09
CA PHE D 29 25.41 -13.10 -23.57
C PHE D 29 24.92 -12.36 -24.81
N GLY D 30 25.43 -11.17 -25.11
CA GLY D 30 24.99 -10.48 -26.31
C GLY D 30 25.33 -9.01 -26.24
N THR D 31 24.68 -8.24 -27.13
CA THR D 31 24.87 -6.80 -27.24
C THR D 31 23.66 -6.05 -26.71
N VAL D 32 23.92 -4.96 -25.98
CA VAL D 32 22.87 -4.17 -25.37
C VAL D 32 22.80 -2.84 -26.12
N TYR D 33 21.60 -2.51 -26.63
CA TYR D 33 21.36 -1.30 -27.40
C TYR D 33 20.47 -0.35 -26.62
N LYS D 34 20.67 0.94 -26.85
CA LYS D 34 19.63 1.92 -26.58
C LYS D 34 18.63 1.88 -27.72
N GLY D 35 17.34 1.79 -27.40
CA GLY D 35 16.33 1.61 -28.40
C GLY D 35 15.19 2.60 -28.24
N LEU D 36 14.40 2.69 -29.31
CA LEU D 36 13.22 3.53 -29.34
C LEU D 36 12.04 2.65 -29.70
N TRP D 37 10.99 2.72 -28.89
CA TRP D 37 9.75 1.99 -29.11
C TRP D 37 8.70 2.98 -29.57
N ILE D 38 8.11 2.75 -30.74
CA ILE D 38 7.06 3.59 -31.28
C ILE D 38 5.78 2.77 -31.34
N PRO D 39 4.91 2.88 -30.33
CA PRO D 39 3.71 2.04 -30.29
C PRO D 39 2.84 2.28 -31.51
N GLU D 40 2.06 1.26 -31.85
CA GLU D 40 1.22 1.34 -33.05
C GLU D 40 0.22 2.46 -32.93
N GLY D 41 0.12 3.26 -33.98
CA GLY D 41 -0.77 4.39 -34.01
C GLY D 41 -0.23 5.66 -33.41
N GLU D 42 0.89 5.59 -32.69
CA GLU D 42 1.36 6.78 -31.99
C GLU D 42 2.53 7.43 -32.73
N LYS D 43 2.92 8.61 -32.24
CA LYS D 43 4.04 9.36 -32.77
C LYS D 43 5.16 9.55 -31.75
N VAL D 44 5.16 8.78 -30.66
CA VAL D 44 6.16 8.94 -29.59
C VAL D 44 7.25 7.89 -29.73
N LYS D 45 8.47 8.28 -29.39
CA LYS D 45 9.62 7.38 -29.40
C LYS D 45 10.00 7.08 -27.94
N ILE D 46 9.56 5.92 -27.44
CA ILE D 46 9.76 5.55 -26.04
C ILE D 46 11.13 4.88 -25.91
N PRO D 47 12.07 5.49 -25.18
CA PRO D 47 13.39 4.86 -25.01
C PRO D 47 13.28 3.58 -24.20
N VAL D 48 14.03 2.56 -24.65
CA VAL D 48 14.06 1.22 -24.03
C VAL D 48 15.49 0.68 -24.14
N ALA D 49 15.76 -0.38 -23.38
CA ALA D 49 16.99 -1.13 -23.50
C ALA D 49 16.68 -2.39 -24.29
N ILE D 50 17.49 -2.66 -25.30
CA ILE D 50 17.35 -3.87 -26.11
C ILE D 50 18.62 -4.68 -25.94
N LYS D 51 18.46 -5.98 -25.68
CA LYS D 51 19.58 -6.91 -25.60
C LYS D 51 19.42 -7.93 -26.71
N GLU D 52 20.31 -7.88 -27.71
CA GLU D 52 20.31 -8.87 -28.77
C GLU D 52 21.17 -10.03 -28.33
N LEU D 53 20.58 -11.22 -28.35
CA LEU D 53 21.27 -12.40 -27.86
C LEU D 53 22.18 -12.98 -28.93
N ARG D 54 23.39 -13.36 -28.53
CA ARG D 54 24.16 -14.27 -29.37
C ARG D 54 23.43 -15.61 -29.38
N GLU D 55 23.90 -16.56 -30.19
CA GLU D 55 23.15 -17.78 -30.43
C GLU D 55 23.29 -18.75 -29.26
N ALA D 56 22.28 -19.60 -29.11
CA ALA D 56 22.35 -20.65 -28.11
C ALA D 56 23.34 -21.72 -28.54
N THR D 57 23.98 -22.35 -27.56
CA THR D 57 24.89 -23.44 -27.87
C THR D 57 24.12 -24.63 -28.47
N SER D 58 22.85 -24.79 -28.07
CA SER D 58 21.92 -25.83 -28.50
C SER D 58 20.86 -25.26 -29.44
N PRO D 59 20.33 -26.07 -30.36
CA PRO D 59 19.26 -25.60 -31.26
C PRO D 59 17.90 -25.54 -30.56
N LYS D 60 17.85 -24.79 -29.46
CA LYS D 60 16.64 -24.71 -28.64
C LYS D 60 15.45 -24.19 -29.44
N ALA D 61 14.31 -24.84 -29.25
CA ALA D 61 13.10 -24.47 -29.99
C ALA D 61 12.67 -23.05 -29.63
N ASN D 62 12.01 -22.40 -30.59
CA ASN D 62 11.53 -21.05 -30.35
C ASN D 62 10.41 -21.03 -29.32
N LYS D 63 9.82 -22.17 -29.05
CA LYS D 63 8.79 -22.22 -28.04
C LYS D 63 9.38 -22.35 -26.67
N GLU D 64 10.57 -22.93 -26.57
CA GLU D 64 11.23 -23.00 -25.28
C GLU D 64 11.82 -21.65 -24.94
N ILE D 65 12.41 -20.99 -25.91
CA ILE D 65 12.90 -19.67 -25.64
C ILE D 65 11.75 -18.86 -25.02
N LEU D 66 10.57 -18.97 -25.63
CA LEU D 66 9.45 -18.19 -25.11
C LEU D 66 9.04 -18.65 -23.72
N ASP D 67 9.12 -19.95 -23.46
CA ASP D 67 8.83 -20.46 -22.13
C ASP D 67 9.80 -19.88 -21.10
N GLU D 68 11.04 -19.65 -21.51
CA GLU D 68 12.04 -19.09 -20.61
C GLU D 68 11.89 -17.59 -20.48
N ALA D 69 11.40 -16.93 -21.53
CA ALA D 69 11.13 -15.51 -21.41
C ALA D 69 9.93 -15.25 -20.50
N TYR D 70 8.95 -16.16 -20.55
CA TYR D 70 7.79 -16.06 -19.68
C TYR D 70 8.18 -16.05 -18.22
N VAL D 71 9.05 -16.99 -17.82
CA VAL D 71 9.57 -16.99 -16.46
C VAL D 71 10.32 -15.69 -16.18
N MET D 72 11.08 -15.18 -17.15
CA MET D 72 11.85 -13.97 -16.89
C MET D 72 10.94 -12.74 -16.78
N ALA D 73 9.78 -12.76 -17.44
CA ALA D 73 8.87 -11.64 -17.35
C ALA D 73 8.01 -11.69 -16.09
N SER D 74 8.06 -12.80 -15.36
CA SER D 74 7.19 -13.00 -14.21
C SER D 74 7.81 -12.56 -12.90
N VAL D 75 9.10 -12.19 -12.87
CA VAL D 75 9.71 -11.77 -11.63
C VAL D 75 9.18 -10.40 -11.21
N ASP D 76 8.83 -10.27 -9.94
CA ASP D 76 8.18 -9.06 -9.43
C ASP D 76 8.80 -8.75 -8.07
N ASN D 77 9.83 -7.90 -8.08
CA ASN D 77 10.59 -7.60 -6.89
C ASN D 77 11.37 -6.33 -7.17
N PRO D 78 11.48 -5.41 -6.21
CA PRO D 78 12.17 -4.13 -6.48
C PRO D 78 13.65 -4.29 -6.81
N HIS D 79 14.26 -5.45 -6.59
CA HIS D 79 15.69 -5.57 -6.78
C HIS D 79 16.07 -6.62 -7.83
N VAL D 80 15.11 -6.98 -8.69
CA VAL D 80 15.35 -7.84 -9.84
C VAL D 80 14.71 -7.18 -11.06
N CYS D 81 15.48 -7.06 -12.15
CA CYS D 81 14.94 -6.52 -13.39
C CYS D 81 14.00 -7.53 -14.01
N ARG D 82 12.84 -7.05 -14.44
CA ARG D 82 11.87 -7.87 -15.14
C ARG D 82 12.08 -7.74 -16.64
N LEU D 83 12.00 -8.86 -17.35
CA LEU D 83 11.92 -8.81 -18.81
C LEU D 83 10.53 -8.29 -19.22
N LEU D 84 10.49 -7.29 -20.10
CA LEU D 84 9.22 -6.66 -20.46
C LEU D 84 8.65 -7.14 -21.78
N GLY D 85 9.48 -7.28 -22.81
CA GLY D 85 9.06 -7.77 -24.10
C GLY D 85 10.15 -8.58 -24.77
N ILE D 86 9.81 -9.14 -25.93
CA ILE D 86 10.68 -10.04 -26.65
C ILE D 86 10.35 -9.97 -28.14
N CYS D 87 11.39 -10.14 -28.97
CA CYS D 87 11.24 -10.21 -30.43
C CYS D 87 11.98 -11.45 -30.91
N LEU D 88 11.24 -12.56 -31.05
CA LEU D 88 11.84 -13.84 -31.43
C LEU D 88 11.74 -14.04 -32.94
N THR D 89 12.29 -13.08 -33.69
CA THR D 89 12.21 -13.10 -35.14
C THR D 89 13.53 -13.52 -35.75
N SER D 90 14.28 -12.57 -36.30
CA SER D 90 15.55 -12.89 -36.92
C SER D 90 16.48 -13.44 -35.86
N THR D 91 16.99 -12.56 -35.01
CA THR D 91 17.63 -12.96 -33.77
C THR D 91 16.63 -12.82 -32.62
N VAL D 92 17.01 -13.36 -31.47
CA VAL D 92 16.26 -13.17 -30.24
C VAL D 92 16.66 -11.84 -29.64
N GLN D 93 15.68 -10.97 -29.42
CA GLN D 93 15.91 -9.65 -28.85
C GLN D 93 15.09 -9.48 -27.57
N LEU D 94 15.71 -8.91 -26.55
CA LEU D 94 15.09 -8.73 -25.25
C LEU D 94 14.96 -7.24 -24.94
N ILE D 95 13.80 -6.85 -24.41
CA ILE D 95 13.50 -5.47 -24.10
C ILE D 95 13.31 -5.35 -22.60
N MET D 96 13.88 -4.30 -22.02
CA MET D 96 13.66 -4.01 -20.61
C MET D 96 13.74 -2.50 -20.45
N GLN D 97 13.32 -2.04 -19.28
CA GLN D 97 13.45 -0.63 -18.95
C GLN D 97 14.90 -0.21 -19.09
N LEU D 98 15.11 0.95 -19.70
CA LEU D 98 16.46 1.48 -19.85
C LEU D 98 16.92 2.09 -18.53
N MET D 99 18.13 1.73 -18.11
CA MET D 99 18.72 2.24 -16.88
C MET D 99 19.92 3.14 -17.22
N PRO D 100 19.72 4.45 -17.27
CA PRO D 100 20.82 5.35 -17.69
C PRO D 100 22.15 5.11 -16.96
N PHE D 101 22.13 4.75 -15.67
CA PHE D 101 23.40 4.65 -14.93
C PHE D 101 24.26 3.45 -15.34
N GLY D 102 23.73 2.49 -16.08
CA GLY D 102 24.65 1.40 -16.41
C GLY D 102 24.81 0.44 -15.23
N CYS D 103 25.84 -0.41 -15.31
CA CYS D 103 26.06 -1.44 -14.29
C CYS D 103 26.85 -0.92 -13.11
N LEU D 104 26.68 -1.60 -11.98
CA LEU D 104 27.28 -1.18 -10.73
C LEU D 104 28.80 -1.43 -10.70
N LEU D 105 29.30 -2.42 -11.45
CA LEU D 105 30.74 -2.58 -11.58
C LEU D 105 31.37 -1.33 -12.18
N ASP D 106 30.90 -0.93 -13.36
CA ASP D 106 31.32 0.34 -13.97
C ASP D 106 31.16 1.51 -13.00
N TYR D 107 30.07 1.49 -12.24
CA TYR D 107 29.77 2.62 -11.37
C TYR D 107 30.75 2.70 -10.21
N VAL D 108 31.09 1.58 -9.58
CA VAL D 108 32.04 1.69 -8.46
C VAL D 108 33.45 2.01 -8.96
N ARG D 109 33.83 1.53 -10.15
CA ARG D 109 35.13 1.90 -10.72
C ARG D 109 35.17 3.39 -11.05
N GLU D 110 34.08 3.92 -11.63
CA GLU D 110 34.06 5.35 -11.97
C GLU D 110 33.92 6.22 -10.71
N HIS D 111 33.32 5.70 -9.64
CA HIS D 111 33.17 6.45 -8.41
C HIS D 111 34.03 5.95 -7.27
N LYS D 112 35.12 5.22 -7.57
CA LYS D 112 35.99 4.62 -6.57
C LYS D 112 36.24 5.52 -5.36
N ASP D 113 36.81 6.70 -5.59
CA ASP D 113 37.15 7.57 -4.48
C ASP D 113 35.93 8.24 -3.86
N ASN D 114 34.73 7.93 -4.36
CA ASN D 114 33.56 8.76 -4.11
C ASN D 114 32.43 8.01 -3.41
N ILE D 115 32.63 6.77 -2.99
CA ILE D 115 31.55 5.95 -2.46
C ILE D 115 31.76 5.73 -0.97
N GLY D 116 30.68 5.88 -0.19
CA GLY D 116 30.74 5.69 1.23
C GLY D 116 30.24 4.32 1.67
N SER D 117 30.20 4.14 3.00
CA SER D 117 29.86 2.84 3.58
C SER D 117 28.36 2.60 3.63
N GLN D 118 27.56 3.66 3.81
CA GLN D 118 26.11 3.52 3.69
C GLN D 118 25.70 2.99 2.32
N TYR D 119 26.32 3.47 1.25
CA TYR D 119 25.97 2.97 -0.08
C TYR D 119 26.38 1.51 -0.25
N LEU D 120 27.66 1.20 0.00
CA LEU D 120 28.19 -0.15 -0.19
C LEU D 120 27.35 -1.19 0.54
N LEU D 121 27.03 -0.91 1.80
CA LEU D 121 26.32 -1.91 2.59
C LEU D 121 24.86 -2.01 2.15
N ASN D 122 24.27 -0.91 1.70
CA ASN D 122 22.90 -0.97 1.19
C ASN D 122 22.84 -1.69 -0.14
N TRP D 123 23.84 -1.53 -1.00
CA TRP D 123 23.84 -2.35 -2.22
C TRP D 123 23.92 -3.83 -1.87
N CYS D 124 24.74 -4.17 -0.88
CA CYS D 124 24.82 -5.57 -0.45
C CYS D 124 23.46 -6.08 -0.02
N VAL D 125 22.74 -5.30 0.82
CA VAL D 125 21.42 -5.70 1.28
C VAL D 125 20.49 -5.94 0.10
N GLN D 126 20.44 -4.98 -0.82
CA GLN D 126 19.49 -5.04 -1.93
C GLN D 126 19.81 -6.19 -2.86
N ILE D 127 21.10 -6.47 -3.08
CA ILE D 127 21.48 -7.61 -3.90
C ILE D 127 21.06 -8.92 -3.22
N ALA D 128 21.17 -8.99 -1.90
CA ALA D 128 20.72 -10.22 -1.25
C ALA D 128 19.21 -10.35 -1.31
N LYS D 129 18.49 -9.22 -1.22
CA LYS D 129 17.03 -9.28 -1.33
C LYS D 129 16.62 -9.79 -2.70
N GLY D 130 17.28 -9.27 -3.76
CA GLY D 130 16.99 -9.76 -5.09
C GLY D 130 17.23 -11.26 -5.21
N MET D 131 18.39 -11.72 -4.75
CA MET D 131 18.69 -13.14 -4.87
C MET D 131 17.82 -13.99 -3.96
N ASN D 132 17.47 -13.48 -2.77
CA ASN D 132 16.54 -14.22 -1.92
C ASN D 132 15.22 -14.42 -2.64
N TYR D 133 14.80 -13.42 -3.42
CA TYR D 133 13.56 -13.51 -4.17
C TYR D 133 13.68 -14.54 -5.28
N LEU D 134 14.79 -14.52 -6.02
CA LEU D 134 15.01 -15.55 -7.03
C LEU D 134 15.00 -16.93 -6.40
N GLU D 135 15.61 -17.06 -5.21
CA GLU D 135 15.59 -18.34 -4.52
C GLU D 135 14.17 -18.76 -4.14
N ASP D 136 13.36 -17.81 -3.64
CA ASP D 136 11.94 -18.08 -3.38
C ASP D 136 11.20 -18.49 -4.64
N ARG D 137 11.51 -17.86 -5.76
CA ARG D 137 10.93 -18.33 -7.02
C ARG D 137 11.63 -19.58 -7.55
N ARG D 138 12.51 -20.19 -6.76
CA ARG D 138 13.26 -21.39 -7.17
C ARG D 138 14.07 -21.16 -8.42
N LEU D 139 14.54 -19.95 -8.58
CA LEU D 139 15.33 -19.61 -9.77
C LEU D 139 16.81 -19.49 -9.39
N VAL D 140 17.66 -20.05 -10.23
CA VAL D 140 19.11 -20.02 -10.03
C VAL D 140 19.69 -19.06 -11.05
N HIS D 141 20.42 -18.06 -10.57
CA HIS D 141 20.95 -17.04 -11.45
C HIS D 141 22.03 -17.62 -12.38
N ARG D 142 23.14 -18.09 -11.79
CA ARG D 142 24.30 -18.74 -12.39
C ARG D 142 25.37 -17.77 -12.84
N ASP D 143 25.10 -16.47 -12.90
CA ASP D 143 26.14 -15.56 -13.36
C ASP D 143 26.09 -14.27 -12.57
N LEU D 144 25.88 -14.37 -11.25
CA LEU D 144 25.86 -13.18 -10.44
C LEU D 144 27.27 -12.62 -10.34
N ALA D 145 27.38 -11.29 -10.47
CA ALA D 145 28.62 -10.53 -10.52
C ALA D 145 28.26 -9.05 -10.51
N ALA D 146 29.19 -8.18 -10.08
CA ALA D 146 28.92 -6.74 -10.10
C ALA D 146 28.51 -6.25 -11.48
N ARG D 147 29.04 -6.88 -12.53
CA ARG D 147 28.68 -6.52 -13.88
C ARG D 147 27.18 -6.75 -14.15
N ASN D 148 26.58 -7.73 -13.47
CA ASN D 148 25.18 -8.06 -13.71
C ASN D 148 24.23 -7.41 -12.71
N VAL D 149 24.70 -6.44 -11.96
CA VAL D 149 23.84 -5.63 -11.11
C VAL D 149 23.72 -4.25 -11.76
N LEU D 150 22.50 -3.87 -12.15
CA LEU D 150 22.24 -2.59 -12.79
C LEU D 150 21.85 -1.54 -11.76
N VAL D 151 22.21 -0.30 -12.06
CA VAL D 151 21.97 0.83 -11.17
C VAL D 151 20.74 1.58 -11.67
N LYS D 152 19.66 1.56 -10.89
CA LYS D 152 18.47 2.32 -11.26
C LYS D 152 18.62 3.77 -10.83
N THR D 153 18.93 3.98 -9.57
CA THR D 153 19.51 5.21 -9.07
C THR D 153 20.69 4.78 -8.23
N PRO D 154 21.59 5.66 -7.81
CA PRO D 154 22.65 5.23 -6.87
C PRO D 154 22.10 4.59 -5.60
N GLN D 155 20.86 4.91 -5.21
CA GLN D 155 20.25 4.34 -4.01
C GLN D 155 19.53 3.03 -4.28
N HIS D 156 19.42 2.59 -5.53
CA HIS D 156 18.51 1.51 -5.89
C HIS D 156 19.18 0.71 -7.01
N VAL D 157 19.55 -0.54 -6.70
CA VAL D 157 20.16 -1.41 -7.68
C VAL D 157 19.29 -2.65 -7.85
N LYS D 158 19.49 -3.33 -8.99
CA LYS D 158 18.66 -4.44 -9.39
C LYS D 158 19.50 -5.47 -10.12
N ILE D 159 19.31 -6.73 -9.77
CA ILE D 159 19.94 -7.83 -10.49
C ILE D 159 19.31 -7.99 -11.87
N THR D 160 20.14 -8.27 -12.86
CA THR D 160 19.72 -8.56 -14.23
C THR D 160 20.38 -9.88 -14.68
N ASP D 161 19.90 -10.41 -15.81
CA ASP D 161 20.51 -11.49 -16.59
C ASP D 161 20.38 -12.86 -15.94
N PHE D 162 19.55 -13.00 -14.91
CA PHE D 162 19.27 -14.33 -14.41
C PHE D 162 18.61 -15.17 -15.50
N GLY D 163 18.91 -16.46 -15.49
CA GLY D 163 18.32 -17.32 -16.50
C GLY D 163 19.00 -17.32 -17.86
N LEU D 164 19.59 -16.17 -18.24
CA LEU D 164 20.27 -16.07 -19.53
C LEU D 164 21.33 -17.15 -19.70
N ALA D 165 22.05 -17.47 -18.62
CA ALA D 165 23.13 -18.45 -18.73
C ALA D 165 22.60 -19.86 -19.02
N LYS D 166 21.42 -20.19 -18.48
CA LYS D 166 20.87 -21.53 -18.67
C LYS D 166 20.25 -21.68 -20.04
N LEU D 167 19.62 -20.63 -20.57
CA LEU D 167 18.97 -20.75 -21.86
C LEU D 167 19.92 -20.48 -23.03
N LEU D 168 21.14 -20.01 -22.77
CA LEU D 168 22.12 -19.69 -23.83
C LEU D 168 23.26 -20.71 -23.86
N GLY D 180 36.79 -16.35 -22.54
CA GLY D 180 36.42 -15.58 -21.36
C GLY D 180 34.91 -15.62 -21.04
N LYS D 181 34.11 -16.13 -21.95
CA LYS D 181 32.66 -16.20 -21.71
C LYS D 181 32.28 -16.71 -20.32
N VAL D 182 32.84 -17.83 -19.88
CA VAL D 182 32.50 -18.41 -18.58
C VAL D 182 33.10 -17.67 -17.38
N PRO D 183 32.26 -17.31 -16.41
CA PRO D 183 32.71 -16.54 -15.24
C PRO D 183 33.43 -17.38 -14.23
N ILE D 184 34.51 -18.02 -14.64
CA ILE D 184 35.24 -18.97 -13.79
C ILE D 184 35.57 -18.35 -12.43
N LYS D 185 35.99 -17.10 -12.42
CA LYS D 185 36.44 -16.46 -11.20
C LYS D 185 35.30 -16.07 -10.26
N TRP D 186 34.03 -16.27 -10.67
CA TRP D 186 32.87 -16.07 -9.81
C TRP D 186 32.22 -17.37 -9.36
N MET D 187 32.57 -18.49 -9.99
CA MET D 187 31.81 -19.71 -9.77
C MET D 187 32.28 -20.44 -8.51
N ALA D 188 31.32 -21.08 -7.84
CA ALA D 188 31.64 -22.01 -6.77
C ALA D 188 32.41 -23.20 -7.34
N LEU D 189 33.34 -23.72 -6.54
CA LEU D 189 34.20 -24.81 -6.98
C LEU D 189 33.39 -25.96 -7.57
N GLU D 190 32.19 -26.21 -7.03
CA GLU D 190 31.37 -27.30 -7.54
C GLU D 190 30.73 -26.95 -8.88
N SER D 191 30.62 -25.67 -9.21
CA SER D 191 30.18 -25.36 -10.56
C SER D 191 31.34 -25.50 -11.53
N ILE D 192 32.54 -25.10 -11.12
CA ILE D 192 33.71 -25.28 -11.97
C ILE D 192 33.93 -26.74 -12.27
N LEU D 193 33.93 -27.58 -11.23
CA LEU D 193 34.30 -28.98 -11.39
C LEU D 193 33.21 -29.77 -12.09
N HIS D 194 31.95 -29.55 -11.71
CA HIS D 194 30.89 -30.48 -12.07
C HIS D 194 29.70 -29.82 -12.78
N ARG D 195 29.84 -28.53 -13.15
CA ARG D 195 28.74 -27.73 -13.71
C ARG D 195 27.49 -27.85 -12.84
N ILE D 196 27.68 -27.66 -11.53
CA ILE D 196 26.62 -27.79 -10.55
C ILE D 196 26.25 -26.39 -10.07
N TYR D 197 25.00 -25.99 -10.31
CA TYR D 197 24.52 -24.66 -10.02
C TYR D 197 23.29 -24.75 -9.13
N THR D 198 23.37 -24.14 -7.95
CA THR D 198 22.24 -24.11 -7.03
C THR D 198 22.19 -22.72 -6.41
N HIS D 199 21.26 -22.52 -5.47
CA HIS D 199 21.22 -21.26 -4.76
C HIS D 199 22.46 -21.08 -3.90
N GLN D 200 23.02 -22.19 -3.41
CA GLN D 200 24.24 -22.10 -2.61
C GLN D 200 25.46 -21.80 -3.46
N SER D 201 25.44 -22.11 -4.77
CA SER D 201 26.54 -21.61 -5.58
C SER D 201 26.30 -20.16 -5.98
N ASP D 202 25.05 -19.74 -6.12
CA ASP D 202 24.75 -18.31 -6.22
C ASP D 202 25.32 -17.55 -5.02
N VAL D 203 25.22 -18.15 -3.83
CA VAL D 203 25.77 -17.51 -2.63
C VAL D 203 27.28 -17.30 -2.78
N TRP D 204 27.97 -18.25 -3.39
CA TRP D 204 29.40 -18.06 -3.65
C TRP D 204 29.63 -16.82 -4.53
N SER D 205 28.86 -16.70 -5.63
CA SER D 205 29.00 -15.54 -6.51
C SER D 205 28.65 -14.25 -5.79
N TYR D 206 27.61 -14.29 -4.95
CA TYR D 206 27.30 -13.14 -4.11
C TYR D 206 28.56 -12.71 -3.33
N GLY D 207 29.22 -13.66 -2.69
CA GLY D 207 30.44 -13.36 -1.97
C GLY D 207 31.46 -12.63 -2.84
N VAL D 208 31.65 -13.09 -4.08
CA VAL D 208 32.59 -12.45 -4.99
C VAL D 208 32.12 -11.06 -5.36
N THR D 209 30.80 -10.90 -5.62
CA THR D 209 30.24 -9.60 -5.96
C THR D 209 30.50 -8.57 -4.87
N VAL D 210 30.30 -8.97 -3.59
CA VAL D 210 30.61 -8.09 -2.48
C VAL D 210 32.09 -7.74 -2.46
N TRP D 211 32.96 -8.71 -2.79
CA TRP D 211 34.38 -8.41 -2.87
C TRP D 211 34.66 -7.37 -3.94
N GLU D 212 34.10 -7.59 -5.14
CA GLU D 212 34.17 -6.60 -6.22
C GLU D 212 33.76 -5.20 -5.74
N LEU D 213 32.63 -5.13 -5.00
CA LEU D 213 32.18 -3.84 -4.48
C LEU D 213 33.12 -3.31 -3.42
N MET D 214 33.57 -4.18 -2.52
CA MET D 214 34.40 -3.73 -1.41
C MET D 214 35.75 -3.21 -1.86
N THR D 215 36.27 -3.69 -3.00
CA THR D 215 37.49 -3.20 -3.61
C THR D 215 37.24 -2.17 -4.69
N PHE D 216 36.05 -1.57 -4.72
CA PHE D 216 35.67 -0.60 -5.76
C PHE D 216 35.96 -1.11 -7.15
N GLY D 217 35.64 -2.39 -7.39
CA GLY D 217 35.72 -2.96 -8.71
C GLY D 217 37.07 -3.50 -9.15
N SER D 218 37.88 -4.06 -8.24
CA SER D 218 39.08 -4.78 -8.68
C SER D 218 38.68 -6.10 -9.33
N LYS D 219 39.60 -6.64 -10.13
CA LYS D 219 39.32 -7.87 -10.86
C LYS D 219 39.70 -9.07 -10.00
N PRO D 220 38.79 -10.00 -9.74
CA PRO D 220 39.09 -11.09 -8.80
C PRO D 220 40.25 -11.94 -9.31
N TYR D 221 41.06 -12.42 -8.38
CA TYR D 221 42.21 -13.27 -8.70
C TYR D 221 42.97 -12.70 -9.90
N ASP D 222 43.33 -11.44 -9.80
CA ASP D 222 44.13 -10.84 -10.86
C ASP D 222 45.55 -11.39 -10.77
N GLY D 223 45.99 -12.04 -11.85
CA GLY D 223 47.28 -12.69 -11.86
C GLY D 223 47.24 -14.17 -11.52
N ILE D 224 46.06 -14.79 -11.55
CA ILE D 224 45.92 -16.23 -11.49
C ILE D 224 45.21 -16.64 -12.77
N PRO D 225 45.83 -17.47 -13.64
CA PRO D 225 45.14 -17.91 -14.85
C PRO D 225 43.82 -18.59 -14.50
N ALA D 226 42.86 -18.45 -15.40
CA ALA D 226 41.52 -18.99 -15.13
C ALA D 226 41.55 -20.50 -14.97
N SER D 227 42.45 -21.18 -15.68
CA SER D 227 42.47 -22.64 -15.62
C SER D 227 43.03 -23.16 -14.31
N GLU D 228 43.67 -22.31 -13.50
CA GLU D 228 44.27 -22.72 -12.25
C GLU D 228 43.41 -22.36 -11.04
N ILE D 229 42.23 -21.79 -11.26
CA ILE D 229 41.40 -21.32 -10.15
C ILE D 229 40.97 -22.48 -9.26
N SER D 230 40.47 -23.56 -9.87
CA SER D 230 40.02 -24.70 -9.08
C SER D 230 41.16 -25.33 -8.29
N SER D 231 42.41 -25.27 -8.80
CA SER D 231 43.55 -25.81 -8.05
C SER D 231 43.84 -24.97 -6.80
N ILE D 232 43.81 -23.65 -6.94
CA ILE D 232 44.12 -22.79 -5.79
C ILE D 232 42.96 -22.73 -4.81
N LEU D 233 41.71 -22.94 -5.26
CA LEU D 233 40.61 -23.05 -4.32
C LEU D 233 40.68 -24.36 -3.54
N GLU D 234 40.97 -25.46 -4.23
CA GLU D 234 41.12 -26.75 -3.57
C GLU D 234 42.24 -26.72 -2.54
N LYS D 235 43.19 -25.79 -2.67
CA LYS D 235 44.31 -25.69 -1.75
C LYS D 235 44.07 -24.73 -0.61
N GLY D 236 42.94 -24.03 -0.60
CA GLY D 236 42.63 -23.13 0.50
C GLY D 236 42.73 -21.66 0.18
N GLU D 237 43.21 -21.28 -1.00
CA GLU D 237 43.37 -19.87 -1.31
C GLU D 237 42.00 -19.27 -1.65
N ARG D 238 41.74 -18.11 -1.09
CA ARG D 238 40.52 -17.35 -1.37
C ARG D 238 40.91 -15.91 -1.71
N LEU D 239 39.95 -15.15 -2.20
CA LEU D 239 40.18 -13.73 -2.44
C LEU D 239 40.66 -13.07 -1.15
N PRO D 240 41.51 -12.04 -1.26
CA PRO D 240 42.08 -11.42 -0.05
C PRO D 240 41.12 -10.43 0.58
N GLN D 241 41.37 -10.15 1.86
CA GLN D 241 40.52 -9.21 2.57
C GLN D 241 40.77 -7.80 2.04
N PRO D 242 39.77 -7.14 1.47
CA PRO D 242 39.95 -5.77 1.01
C PRO D 242 40.22 -4.83 2.17
N PRO D 243 41.06 -3.81 1.97
CA PRO D 243 41.50 -2.98 3.10
C PRO D 243 40.39 -2.23 3.83
N ILE D 244 39.34 -1.79 3.13
CA ILE D 244 38.26 -1.10 3.84
C ILE D 244 37.45 -2.04 4.72
N CYS D 245 37.65 -3.34 4.63
CA CYS D 245 36.75 -4.28 5.30
C CYS D 245 37.27 -4.64 6.68
N THR D 246 36.40 -4.48 7.68
CA THR D 246 36.69 -5.04 8.99
C THR D 246 36.60 -6.56 8.92
N ILE D 247 36.83 -7.23 10.06
CA ILE D 247 36.86 -8.69 10.05
C ILE D 247 35.45 -9.26 9.93
N ASP D 248 34.47 -8.58 10.53
CA ASP D 248 33.09 -9.07 10.47
C ASP D 248 32.61 -9.19 9.02
N VAL D 249 32.82 -8.15 8.22
CA VAL D 249 32.44 -8.23 6.81
C VAL D 249 33.22 -9.34 6.11
N TYR D 250 34.55 -9.37 6.31
CA TYR D 250 35.35 -10.34 5.58
C TYR D 250 34.98 -11.77 5.96
N MET D 251 34.66 -12.03 7.23
CA MET D 251 34.29 -13.39 7.61
C MET D 251 33.08 -13.86 6.81
N ILE D 252 32.16 -12.94 6.51
CA ILE D 252 30.96 -13.32 5.78
C ILE D 252 31.29 -13.70 4.35
N MET D 253 32.16 -12.93 3.68
CA MET D 253 32.60 -13.31 2.34
C MET D 253 33.32 -14.67 2.37
N ARG D 254 34.13 -14.94 3.41
CA ARG D 254 34.79 -16.23 3.54
C ARG D 254 33.81 -17.37 3.79
N LYS D 255 32.72 -17.10 4.53
CA LYS D 255 31.67 -18.09 4.73
C LYS D 255 31.02 -18.49 3.41
N CYS D 256 30.89 -17.53 2.48
CA CYS D 256 30.31 -17.81 1.18
C CYS D 256 31.21 -18.70 0.33
N TRP D 257 32.51 -18.74 0.62
CA TRP D 257 33.44 -19.48 -0.21
C TRP D 257 33.85 -20.81 0.42
N MET D 258 33.06 -21.32 1.36
CA MET D 258 33.36 -22.60 1.96
C MET D 258 33.11 -23.72 0.96
N ILE D 259 33.96 -24.77 1.01
CA ILE D 259 33.82 -25.88 0.08
C ILE D 259 32.44 -26.51 0.22
N ASP D 260 31.99 -26.69 1.46
CA ASP D 260 30.72 -27.34 1.73
C ASP D 260 29.59 -26.37 1.45
N ALA D 261 28.86 -26.59 0.35
CA ALA D 261 27.87 -25.64 -0.14
C ALA D 261 26.84 -25.32 0.94
N ASP D 262 26.42 -26.32 1.72
CA ASP D 262 25.41 -26.09 2.74
C ASP D 262 25.98 -25.52 4.05
N SER D 263 27.28 -25.29 4.13
CA SER D 263 27.82 -24.48 5.22
C SER D 263 27.79 -22.98 4.91
N ARG D 264 27.73 -22.58 3.65
CA ARG D 264 27.67 -21.18 3.29
C ARG D 264 26.37 -20.53 3.80
N PRO D 265 26.36 -19.22 3.97
CA PRO D 265 25.12 -18.53 4.38
C PRO D 265 24.01 -18.73 3.37
N LYS D 266 22.78 -18.63 3.87
CA LYS D 266 21.61 -18.44 3.02
C LYS D 266 21.40 -16.95 2.76
N PHE D 267 20.89 -16.63 1.57
CA PHE D 267 20.61 -15.25 1.23
C PHE D 267 19.77 -14.56 2.30
N ARG D 268 18.79 -15.27 2.86
CA ARG D 268 17.91 -14.63 3.84
C ARG D 268 18.68 -14.20 5.09
N GLU D 269 19.69 -14.97 5.48
CA GLU D 269 20.55 -14.53 6.58
C GLU D 269 21.48 -13.40 6.14
N LEU D 270 21.93 -13.42 4.88
CA LEU D 270 22.77 -12.32 4.39
C LEU D 270 21.99 -11.01 4.46
N ILE D 271 20.70 -11.05 4.12
CA ILE D 271 19.84 -9.89 4.29
C ILE D 271 19.93 -9.34 5.71
N ILE D 272 19.72 -10.19 6.70
CA ILE D 272 19.76 -9.75 8.10
C ILE D 272 21.12 -9.15 8.43
N GLU D 273 22.21 -9.90 8.19
CA GLU D 273 23.52 -9.47 8.68
C GLU D 273 23.93 -8.14 8.08
N PHE D 274 23.77 -7.99 6.75
CA PHE D 274 24.13 -6.73 6.11
C PHE D 274 23.15 -5.61 6.47
N SER D 275 21.86 -5.93 6.64
CA SER D 275 20.94 -4.93 7.19
C SER D 275 21.44 -4.44 8.54
N LYS D 276 21.93 -5.37 9.37
CA LYS D 276 22.42 -5.01 10.69
C LYS D 276 23.60 -4.06 10.59
N MET D 277 24.59 -4.41 9.76
CA MET D 277 25.79 -3.59 9.64
C MET D 277 25.48 -2.23 9.04
N ALA D 278 24.51 -2.17 8.12
CA ALA D 278 24.13 -0.89 7.52
C ALA D 278 23.66 0.10 8.57
N ARG D 279 23.02 -0.38 9.64
CA ARG D 279 22.56 0.50 10.70
C ARG D 279 23.71 1.19 11.42
N ASP D 280 24.94 0.68 11.30
CA ASP D 280 26.11 1.32 11.87
C ASP D 280 27.29 1.12 10.93
N PRO D 281 27.25 1.77 9.76
CA PRO D 281 28.21 1.39 8.70
C PRO D 281 29.67 1.61 9.05
N GLN D 282 29.99 2.59 9.89
CA GLN D 282 31.40 2.86 10.17
C GLN D 282 32.01 1.92 11.21
N ARG D 283 31.20 1.16 11.94
CA ARG D 283 31.75 0.07 12.72
C ARG D 283 32.25 -1.06 11.82
N TYR D 284 31.79 -1.09 10.57
CA TYR D 284 32.04 -2.23 9.72
C TYR D 284 32.83 -1.94 8.48
N LEU D 285 32.87 -0.71 8.02
CA LEU D 285 33.70 -0.36 6.87
C LEU D 285 34.52 0.88 7.19
N VAL D 286 35.83 0.80 6.96
CA VAL D 286 36.77 1.86 7.26
C VAL D 286 37.14 2.54 5.94
N ILE D 287 36.66 3.76 5.73
CA ILE D 287 36.83 4.47 4.47
C ILE D 287 37.33 5.88 4.78
N GLN D 288 38.38 6.30 4.07
CA GLN D 288 38.93 7.63 4.28
C GLN D 288 37.94 8.69 3.79
N GLY D 289 37.53 9.58 4.67
CA GLY D 289 36.62 10.64 4.30
C GLY D 289 35.18 10.18 4.22
N ASP D 290 34.80 9.20 5.03
CA ASP D 290 33.48 8.60 4.95
C ASP D 290 32.39 9.45 5.59
N GLU D 291 32.73 10.49 6.34
CA GLU D 291 31.72 11.37 6.91
C GLU D 291 31.10 12.29 5.86
N ARG D 292 31.66 12.34 4.65
CA ARG D 292 31.16 13.19 3.58
C ARG D 292 30.53 12.40 2.44
N MET D 293 30.15 11.14 2.70
CA MET D 293 29.70 10.23 1.65
C MET D 293 28.35 9.62 1.97
N HIS D 294 27.50 10.37 2.68
CA HIS D 294 26.21 9.90 3.15
C HIS D 294 25.22 9.67 2.00
N LEU D 295 24.12 8.99 2.34
CA LEU D 295 23.00 8.80 1.43
C LEU D 295 22.27 10.13 1.19
N PRO D 296 21.60 10.28 0.05
CA PRO D 296 21.01 11.59 -0.27
C PRO D 296 20.01 12.03 0.78
N SER D 297 19.84 13.35 0.87
CA SER D 297 18.87 13.95 1.77
C SER D 297 17.45 13.65 1.29
N PRO D 298 16.46 13.77 2.18
CA PRO D 298 15.05 13.62 1.75
C PRO D 298 14.70 14.40 0.49
N THR D 299 15.14 15.65 0.38
CA THR D 299 14.80 16.43 -0.81
C THR D 299 15.36 15.78 -2.06
N ASP D 300 16.62 15.35 -2.01
CA ASP D 300 17.25 14.82 -3.22
C ASP D 300 16.69 13.46 -3.60
N SER D 301 16.52 12.56 -2.63
CA SER D 301 15.92 11.27 -2.96
C SER D 301 14.47 11.42 -3.43
N ASN D 302 13.71 12.35 -2.81
CA ASN D 302 12.38 12.67 -3.31
C ASN D 302 12.44 13.04 -4.78
N PHE D 303 13.38 13.91 -5.14
CA PHE D 303 13.50 14.40 -6.52
C PHE D 303 13.94 13.27 -7.45
N TYR D 304 14.89 12.44 -7.00
CA TYR D 304 15.27 11.23 -7.73
C TYR D 304 14.07 10.32 -7.98
N ARG D 305 13.29 10.05 -6.93
CA ARG D 305 12.17 9.14 -7.05
C ARG D 305 11.17 9.62 -8.10
N ALA D 306 10.88 10.92 -8.11
CA ALA D 306 9.84 11.42 -9.01
C ALA D 306 10.29 11.38 -10.47
N LEU D 307 11.58 11.57 -10.74
CA LEU D 307 12.03 11.60 -12.12
C LEU D 307 12.39 10.25 -12.69
N MET D 308 12.80 9.27 -11.88
CA MET D 308 13.17 8.01 -12.51
C MET D 308 13.02 6.78 -11.64
N ASP D 309 12.28 6.82 -10.55
CA ASP D 309 12.16 5.65 -9.69
C ASP D 309 10.88 5.74 -8.88
N GLU D 310 9.76 5.80 -9.58
CA GLU D 310 8.44 5.85 -8.97
C GLU D 310 8.00 4.51 -8.41
N GLU D 311 8.80 3.44 -8.58
CA GLU D 311 8.36 2.08 -8.28
C GLU D 311 8.48 1.75 -6.79
N VAL D 317 17.94 2.78 2.05
CA VAL D 317 16.81 2.47 2.93
C VAL D 317 17.23 2.28 4.39
N ASP D 318 18.51 2.01 4.62
CA ASP D 318 19.00 1.73 5.98
C ASP D 318 19.55 2.90 6.78
N ALA D 319 19.56 2.77 8.10
CA ALA D 319 20.01 3.86 8.98
C ALA D 319 21.50 4.13 8.94
C10 YAA E . -13.70 10.94 10.25
C11 YAA E . -14.55 11.24 11.29
C02 YAA E . -12.30 6.61 4.17
C03 YAA E . -11.77 5.77 3.02
C05 YAA E . -12.51 6.76 6.75
C06 YAA E . -13.23 7.93 6.75
C07 YAA E . -13.59 8.47 7.96
C08 YAA E . -14.39 9.77 7.98
C09 YAA E . -14.42 10.75 8.92
C12 YAA E . -14.07 11.49 12.56
C14 YAA E . -14.97 12.10 14.93
C15 YAA E . -16.26 12.24 15.72
C16 YAA E . -16.99 13.45 15.74
C18 YAA E . -16.58 16.04 15.31
C19 YAA E . -17.31 16.60 16.56
C20 YAA E . -16.83 17.79 17.15
C21 YAA E . -17.47 18.31 18.26
C22 YAA E . -18.59 17.69 18.79
C23 YAA E . -19.06 16.52 18.21
C24 YAA E . -18.41 15.99 17.08
C27 YAA E . -18.17 13.53 16.45
C28 YAA E . -18.66 12.41 17.17
C29 YAA E . -17.95 11.22 17.14
C30 YAA E . -16.76 11.14 16.40
C32 YAA E . -12.71 11.39 12.81
C33 YAA E . -11.84 11.09 11.75
C34 YAA E . -12.34 10.88 10.46
C36 YAA E . -15.78 11.26 7.36
C38 YAA E . -18.41 12.54 7.54
C40 YAA E . -13.24 7.83 9.12
C41 YAA E . -12.53 6.65 9.04
N04 YAA E . -12.10 6.12 5.52
N13 YAA E . -15.11 11.74 13.54
N17 YAA E . -16.49 14.61 15.00
N25 YAA E . -18.91 14.77 16.49
N35 YAA E . -15.28 11.63 8.52
N39 YAA E . -15.23 10.09 7.04
N42 YAA E . -12.20 6.16 7.88
O01 YAA E . -12.84 7.62 3.95
O26 YAA E . -16.08 16.80 14.55
O31 YAA E . -13.91 12.25 15.43
S37 YAA E . -17.01 12.21 6.44
MG MG F . -0.27 24.54 -20.04
PG ANP G . -1.81 27.59 -21.25
O1G ANP G . -1.03 28.87 -21.29
O2G ANP G . -3.29 27.89 -20.75
O3G ANP G . -1.10 26.58 -20.25
PB ANP G . -0.73 25.71 -23.03
O1B ANP G . -0.85 24.65 -22.00
O2B ANP G . -1.02 25.05 -24.42
N3B ANP G . -1.88 26.92 -22.80
PA ANP G . 1.93 25.80 -22.07
O1A ANP G . 1.52 25.41 -20.69
O2A ANP G . 3.02 26.86 -22.06
O3A ANP G . 0.69 26.36 -22.96
O5' ANP G . 2.39 24.51 -22.82
C5' ANP G . 3.24 24.57 -23.98
C4' ANP G . 3.34 23.18 -24.53
O4' ANP G . 4.15 22.37 -23.66
C3' ANP G . 2.01 22.45 -24.70
O3' ANP G . 2.03 21.74 -25.95
C2' ANP G . 2.00 21.49 -23.52
O2' ANP G . 1.22 20.32 -23.82
C1' ANP G . 3.48 21.15 -23.38
N9 ANP G . 3.89 20.66 -22.07
C8 ANP G . 3.71 21.31 -20.86
N7 ANP G . 4.18 20.65 -19.83
C5 ANP G . 4.70 19.49 -20.38
C6 ANP G . 5.33 18.37 -19.81
N6 ANP G . 5.55 18.23 -18.51
N1 ANP G . 5.73 17.37 -20.64
C2 ANP G . 5.50 17.50 -21.96
N3 ANP G . 4.91 18.52 -22.61
C4 ANP G . 4.52 19.47 -21.77
MG MG H . 24.91 -8.26 -17.66
PG ANP I . 27.41 -10.58 -18.93
O1G ANP I . 26.18 -10.01 -18.29
O2G ANP I . 27.24 -10.80 -20.41
O3G ANP I . 28.02 -11.74 -18.19
PB ANP I . 28.01 -7.67 -18.79
O1B ANP I . 29.21 -6.76 -18.70
O2B ANP I . 26.95 -7.50 -17.75
N3B ANP I . 28.58 -9.31 -18.80
PA ANP I . 25.82 -7.48 -20.63
O1A ANP I . 25.65 -8.55 -21.69
O2A ANP I . 24.94 -7.46 -19.42
O3A ANP I . 27.39 -7.47 -20.26
O5' ANP I . 25.78 -6.02 -21.29
C5' ANP I . 26.81 -5.11 -20.91
C4' ANP I . 26.41 -3.65 -21.13
O4' ANP I . 25.00 -3.53 -21.27
C3' ANP I . 26.80 -2.79 -19.96
O3' ANP I . 27.49 -1.65 -20.46
C2' ANP I . 25.51 -2.37 -19.31
O2' ANP I . 25.57 -1.04 -18.83
C1' ANP I . 24.53 -2.46 -20.45
N9 ANP I . 23.15 -2.76 -20.02
C8 ANP I . 22.62 -3.99 -19.85
N7 ANP I . 21.32 -3.88 -19.49
C5 ANP I . 21.00 -2.59 -19.46
C6 ANP I . 19.80 -1.78 -19.15
N6 ANP I . 18.64 -2.37 -18.81
N1 ANP I . 19.90 -0.45 -19.23
C2 ANP I . 21.05 0.16 -19.56
N3 ANP I . 22.18 -0.50 -19.85
C4 ANP I . 22.22 -1.85 -19.82
#